data_5DE1
#
_entry.id   5DE1
#
_cell.length_a   82.726
_cell.length_b   82.726
_cell.length_c   303.639
_cell.angle_alpha   90.000
_cell.angle_beta   90.000
_cell.angle_gamma   90.000
#
_symmetry.space_group_name_H-M   'P 43 21 2'
#
loop_
_entity.id
_entity.type
_entity.pdbx_description
1 polymer 'Isocitrate dehydrogenase [NADP] cytoplasmic'
2 non-polymer 'NADP NICOTINAMIDE-ADENINE-DINUCLEOTIDE PHOSPHATE'
3 non-polymer (7R)-1-(4-fluorobenzyl)-N-{3-[(1S)-1-hydroxyethyl]phenyl}-7-methyl-5-(1H-pyrrol-2-ylcarbonyl)-4,5,6,7-tetrahydro-1H-pyrazolo[4,3-c]pyridine-3-carboxamide
4 water water
#
_entity_poly.entity_id   1
_entity_poly.type   'polypeptide(L)'
_entity_poly.pdbx_seq_one_letter_code
;SKKISGGSVVEMQGDEMTRIIWELIKEKLIFPYVELDLHSYDLGIENRDATNDQVTKDAAEAIKKHNVGVKCATITPDEK
RVEEFKLKQMWKSPNGTIRNILGGTVFREAIICKNIPRLVSGWVKPIIIGHHAYGDQYRATDFVVPGPGKVEITYTPSDG
TQKVTYLVHNFEEGGGVAMGMYNQDKSIEDFAHSSFQMALSKGWPLYLSTKNTILKKYDGRFKDIFQEIYDKQYKSQFEA
QKIWYEHRLIDDMVAQAMKSEGGFIWACKNYDGDVQSDSVAQGYGSLGMMTSVLVCPDGKTVEAEAAHGTVTRHYRMYQK
GQETSTNPIASIFAWTRGLAHRAKLDNNKELAFFANALEEVSIETIEAGFMTKDLAACIKGLPNVQRSDYLNTFEFMDKL
GENLKIKLAQAKL
;
_entity_poly.pdbx_strand_id   A,B
#
loop_
_chem_comp.id
_chem_comp.type
_chem_comp.name
_chem_comp.formula
59D non-polymer (7R)-1-(4-fluorobenzyl)-N-{3-[(1S)-1-hydroxyethyl]phenyl}-7-methyl-5-(1H-pyrrol-2-ylcarbonyl)-4,5,6,7-tetrahydro-1H-pyrazolo[4,3-c]pyridine-3-carboxamide 'C28 H28 F N5 O3'
NAP non-polymer 'NADP NICOTINAMIDE-ADENINE-DINUCLEOTIDE PHOSPHATE' 'C21 H28 N7 O17 P3'
#
# COMPACT_ATOMS: atom_id res chain seq x y z
N LYS A 2 -3.09 -13.69 47.22
CA LYS A 2 -4.07 -12.83 46.48
C LYS A 2 -3.57 -12.51 45.07
N LYS A 3 -4.48 -11.99 44.24
CA LYS A 3 -4.20 -11.67 42.85
C LYS A 3 -3.65 -10.25 42.76
N ILE A 4 -3.27 -9.86 41.54
CA ILE A 4 -2.77 -8.50 41.28
C ILE A 4 -3.93 -7.51 41.25
N SER A 5 -3.77 -6.39 41.96
CA SER A 5 -4.73 -5.30 41.91
C SER A 5 -4.44 -4.44 40.69
N GLY A 6 -5.25 -4.61 39.64
CA GLY A 6 -5.03 -3.93 38.37
C GLY A 6 -5.68 -2.56 38.24
N GLY A 7 -6.59 -2.22 39.14
CA GLY A 7 -7.23 -0.91 39.13
C GLY A 7 -8.34 -0.77 38.10
N SER A 8 -8.55 0.45 37.63
CA SER A 8 -9.72 0.83 36.83
C SER A 8 -9.52 0.59 35.34
N VAL A 9 -10.33 -0.29 34.77
CA VAL A 9 -10.28 -0.62 33.35
C VAL A 9 -11.69 -0.62 32.77
N VAL A 10 -11.85 0.01 31.61
CA VAL A 10 -13.13 0.02 30.91
C VAL A 10 -13.13 -1.10 29.88
N GLU A 11 -14.13 -1.96 29.96
CA GLU A 11 -14.22 -3.14 29.10
C GLU A 11 -15.49 -3.07 28.25
N MET A 12 -15.34 -3.35 26.95
CA MET A 12 -16.46 -3.34 26.03
C MET A 12 -16.64 -4.70 25.37
N GLN A 13 -17.74 -5.38 25.70
CA GLN A 13 -18.08 -6.67 25.11
C GLN A 13 -18.63 -6.47 23.70
N GLY A 14 -18.41 -7.46 22.84
CA GLY A 14 -18.70 -7.32 21.41
C GLY A 14 -19.58 -8.41 20.84
N ASP A 15 -19.31 -8.78 19.58
CA ASP A 15 -20.22 -9.64 18.81
C ASP A 15 -19.57 -10.88 18.22
N GLU A 16 -20.42 -11.86 17.93
CA GLU A 16 -20.08 -13.07 17.16
C GLU A 16 -18.84 -13.80 17.69
N MET A 17 -17.86 -14.11 16.84
CA MET A 17 -16.76 -15.01 17.24
C MET A 17 -15.82 -14.36 18.26
N THR A 18 -15.59 -13.06 18.11
CA THR A 18 -14.77 -12.31 19.04
C THR A 18 -15.39 -12.24 20.43
N ARG A 19 -16.72 -12.24 20.50
CA ARG A 19 -17.43 -12.29 21.79
C ARG A 19 -17.12 -13.58 22.54
N ILE A 20 -17.09 -14.70 21.81
CA ILE A 20 -16.78 -16.01 22.41
C ILE A 20 -15.36 -16.02 22.95
N ILE A 21 -14.43 -15.56 22.12
CA ILE A 21 -13.00 -15.52 22.47
C ILE A 21 -12.72 -14.54 23.62
N TRP A 22 -13.41 -13.41 23.61
CA TRP A 22 -13.26 -12.38 24.64
C TRP A 22 -13.53 -12.94 26.03
N GLU A 23 -14.64 -13.67 26.17
CA GLU A 23 -14.99 -14.29 27.44
C GLU A 23 -14.00 -15.36 27.88
N LEU A 24 -13.47 -16.13 26.93
CA LEU A 24 -12.43 -17.11 27.23
C LEU A 24 -11.13 -16.45 27.69
N ILE A 25 -10.78 -15.33 27.08
CA ILE A 25 -9.59 -14.57 27.49
C ILE A 25 -9.71 -14.11 28.93
N LYS A 26 -10.86 -13.55 29.29
CA LYS A 26 -11.09 -13.08 30.65
C LYS A 26 -11.06 -14.23 31.65
N GLU A 27 -11.75 -15.32 31.31
CA GLU A 27 -11.89 -16.47 32.20
C GLU A 27 -10.58 -17.24 32.42
N LYS A 28 -9.82 -17.47 31.36
CA LYS A 28 -8.62 -18.32 31.43
C LYS A 28 -7.30 -17.56 31.63
N LEU A 29 -7.22 -16.33 31.13
CA LEU A 29 -5.95 -15.60 31.13
C LEU A 29 -5.89 -14.36 32.04
N ILE A 30 -7.02 -13.66 32.22
CA ILE A 30 -7.03 -12.41 32.99
C ILE A 30 -7.51 -12.61 34.43
N PHE A 31 -8.76 -13.02 34.60
CA PHE A 31 -9.39 -13.07 35.93
C PHE A 31 -8.68 -13.96 36.96
N PRO A 32 -8.06 -15.07 36.53
CA PRO A 32 -7.33 -15.89 37.49
C PRO A 32 -6.10 -15.22 38.13
N TYR A 33 -5.62 -14.11 37.56
CA TYR A 33 -4.41 -13.45 38.06
C TYR A 33 -4.55 -11.96 38.39
N VAL A 34 -5.62 -11.31 37.92
CA VAL A 34 -5.79 -9.87 38.09
C VAL A 34 -7.21 -9.53 38.53
N GLU A 35 -7.33 -8.75 39.60
CA GLU A 35 -8.60 -8.16 40.02
C GLU A 35 -8.70 -6.75 39.46
N LEU A 36 -9.85 -6.42 38.91
CA LEU A 36 -10.06 -5.12 38.27
C LEU A 36 -11.29 -4.43 38.82
N ASP A 37 -11.20 -3.11 38.98
CA ASP A 37 -12.36 -2.26 39.17
C ASP A 37 -12.95 -2.07 37.79
N LEU A 38 -13.71 -3.08 37.37
CA LEU A 38 -14.07 -3.24 35.97
C LEU A 38 -15.32 -2.44 35.64
N HIS A 39 -15.18 -1.54 34.67
CA HIS A 39 -16.31 -0.75 34.16
C HIS A 39 -16.73 -1.37 32.83
N SER A 40 -17.67 -2.31 32.91
CA SER A 40 -17.97 -3.20 31.78
C SER A 40 -19.24 -2.76 31.04
N TYR A 41 -19.11 -2.61 29.72
CA TYR A 41 -20.22 -2.18 28.86
C TYR A 41 -20.45 -3.21 27.75
N ASP A 42 -21.71 -3.60 27.57
CA ASP A 42 -22.06 -4.58 26.56
C ASP A 42 -22.37 -3.87 25.25
N LEU A 43 -21.40 -3.86 24.33
CA LEU A 43 -21.59 -3.28 22.99
C LEU A 43 -21.98 -4.35 21.96
N GLY A 44 -22.60 -5.44 22.42
CA GLY A 44 -23.25 -6.38 21.51
C GLY A 44 -24.34 -5.67 20.73
N ILE A 45 -24.58 -6.12 19.51
CA ILE A 45 -25.52 -5.45 18.61
C ILE A 45 -26.94 -5.39 19.18
N GLU A 46 -27.36 -6.46 19.86
CA GLU A 46 -28.72 -6.54 20.39
C GLU A 46 -28.92 -5.53 21.53
N ASN A 47 -27.88 -5.34 22.34
CA ASN A 47 -27.95 -4.40 23.46
C ASN A 47 -27.85 -2.94 23.01
N ARG A 48 -27.03 -2.69 21.99
CA ARG A 48 -26.97 -1.36 21.38
C ARG A 48 -28.33 -0.98 20.81
N ASP A 49 -28.97 -1.94 20.12
CA ASP A 49 -30.31 -1.71 19.58
C ASP A 49 -31.31 -1.44 20.70
N ALA A 50 -31.28 -2.29 21.73
CA ALA A 50 -32.21 -2.17 22.85
C ALA A 50 -32.05 -0.87 23.64
N THR A 51 -30.82 -0.35 23.73
CA THR A 51 -30.56 0.90 24.44
C THR A 51 -30.51 2.12 23.53
N ASN A 52 -30.90 1.94 22.26
CA ASN A 52 -30.80 2.99 21.24
C ASN A 52 -29.39 3.59 21.17
N ASP A 53 -28.40 2.71 21.28
CA ASP A 53 -26.98 3.05 21.19
C ASP A 53 -26.44 3.92 22.32
N GLN A 54 -27.21 4.08 23.40
CA GLN A 54 -26.77 4.86 24.55
C GLN A 54 -25.58 4.20 25.24
N VAL A 55 -25.57 2.86 25.25
CA VAL A 55 -24.48 2.09 25.84
C VAL A 55 -23.12 2.44 25.21
N THR A 56 -23.12 2.69 23.90
CA THR A 56 -21.89 3.06 23.20
C THR A 56 -21.38 4.42 23.67
N LYS A 57 -22.29 5.37 23.86
CA LYS A 57 -21.92 6.71 24.33
C LYS A 57 -21.37 6.68 25.76
N ASP A 58 -22.02 5.89 26.62
CA ASP A 58 -21.58 5.74 28.01
C ASP A 58 -20.18 5.13 28.09
N ALA A 59 -19.94 4.10 27.28
CA ALA A 59 -18.64 3.46 27.21
C ALA A 59 -17.55 4.48 26.87
N ALA A 60 -17.82 5.31 25.86
CA ALA A 60 -16.89 6.36 25.45
C ALA A 60 -16.57 7.31 26.60
N GLU A 61 -17.60 7.75 27.31
CA GLU A 61 -17.42 8.64 28.46
C GLU A 61 -16.66 7.97 29.61
N ALA A 62 -16.87 6.66 29.79
CA ALA A 62 -16.14 5.91 30.82
C ALA A 62 -14.63 5.86 30.52
N ILE A 63 -14.28 5.74 29.25
CA ILE A 63 -12.86 5.71 28.84
C ILE A 63 -12.22 7.08 29.09
N LYS A 64 -12.96 8.13 28.74
CA LYS A 64 -12.52 9.50 29.00
C LYS A 64 -12.26 9.70 30.50
N LYS A 65 -13.14 9.16 31.33
CA LYS A 65 -13.04 9.27 32.78
C LYS A 65 -11.89 8.42 33.36
N HIS A 66 -11.81 7.16 32.93
CA HIS A 66 -10.88 6.20 33.55
C HIS A 66 -9.59 5.91 32.76
N ASN A 67 -9.46 6.49 31.56
CA ASN A 67 -8.21 6.50 30.78
C ASN A 67 -7.79 5.21 30.07
N VAL A 68 -8.28 4.05 30.50
CA VAL A 68 -7.91 2.78 29.87
C VAL A 68 -9.13 2.02 29.39
N GLY A 69 -9.20 1.77 28.08
CA GLY A 69 -10.29 1.04 27.47
C GLY A 69 -9.80 -0.19 26.73
N VAL A 70 -10.52 -1.31 26.89
CA VAL A 70 -10.27 -2.52 26.09
C VAL A 70 -11.59 -2.95 25.45
N LYS A 71 -11.59 -3.10 24.12
CA LYS A 71 -12.82 -3.33 23.37
C LYS A 71 -12.77 -4.58 22.50
N CYS A 72 -13.84 -5.36 22.57
CA CYS A 72 -14.07 -6.50 21.68
C CYS A 72 -14.66 -6.01 20.35
N ALA A 73 -14.35 -6.71 19.27
CA ALA A 73 -14.86 -6.34 17.95
C ALA A 73 -16.39 -6.38 17.92
N THR A 74 -16.99 -5.42 17.23
CA THR A 74 -18.43 -5.27 17.17
C THR A 74 -18.93 -5.21 15.72
N ILE A 75 -20.19 -5.57 15.53
CA ILE A 75 -20.84 -5.49 14.22
C ILE A 75 -21.17 -4.03 13.90
N THR A 76 -20.66 -3.54 12.76
CA THR A 76 -21.12 -2.28 12.20
C THR A 76 -22.28 -2.58 11.27
N PRO A 77 -23.50 -2.12 11.62
CA PRO A 77 -24.70 -2.47 10.86
C PRO A 77 -24.70 -1.97 9.41
N ASP A 78 -25.09 -2.86 8.50
CA ASP A 78 -25.48 -2.47 7.16
C ASP A 78 -26.92 -2.94 6.95
N GLU A 79 -27.50 -2.63 5.79
CA GLU A 79 -28.85 -3.08 5.43
C GLU A 79 -29.09 -4.58 5.67
N LYS A 80 -28.06 -5.40 5.45
CA LYS A 80 -28.16 -6.83 5.71
C LYS A 80 -28.29 -7.15 7.21
N ARG A 81 -27.51 -6.47 8.04
CA ARG A 81 -27.57 -6.65 9.50
C ARG A 81 -28.90 -6.15 10.06
N VAL A 82 -29.40 -5.05 9.51
CA VAL A 82 -30.71 -4.49 9.89
C VAL A 82 -31.81 -5.55 9.77
N GLU A 83 -31.77 -6.33 8.68
CA GLU A 83 -32.74 -7.40 8.46
C GLU A 83 -32.49 -8.60 9.36
N GLU A 84 -31.22 -8.97 9.52
CA GLU A 84 -30.81 -10.09 10.36
C GLU A 84 -31.29 -9.95 11.80
N PHE A 85 -31.11 -8.75 12.37
CA PHE A 85 -31.44 -8.49 13.78
C PHE A 85 -32.71 -7.65 13.98
N LYS A 86 -33.41 -7.33 12.89
CA LYS A 86 -34.59 -6.45 12.95
C LYS A 86 -34.27 -5.17 13.72
N LEU A 87 -33.20 -4.50 13.32
CA LEU A 87 -32.73 -3.29 14.01
C LEU A 87 -33.67 -2.12 13.78
N LYS A 88 -33.71 -1.22 14.77
CA LYS A 88 -34.56 -0.02 14.69
C LYS A 88 -33.97 0.99 13.72
N GLN A 89 -32.65 1.11 13.72
CA GLN A 89 -31.93 1.98 12.80
C GLN A 89 -30.65 1.28 12.33
N MET A 90 -29.99 1.86 11.33
CA MET A 90 -28.66 1.42 10.93
C MET A 90 -27.64 2.17 11.78
N TRP A 91 -27.43 1.67 13.00
CA TRP A 91 -26.61 2.34 13.99
C TRP A 91 -25.19 2.59 13.49
N LYS A 92 -24.60 3.70 13.88
CA LYS A 92 -23.25 4.06 13.47
C LYS A 92 -22.22 3.09 14.08
N SER A 93 -21.09 2.94 13.40
CA SER A 93 -19.96 2.16 13.92
C SER A 93 -19.61 2.61 15.35
N PRO A 94 -19.59 1.67 16.30
CA PRO A 94 -19.19 1.99 17.67
C PRO A 94 -17.81 2.64 17.75
N ASN A 95 -16.88 2.17 16.93
CA ASN A 95 -15.52 2.72 16.88
C ASN A 95 -15.53 4.20 16.49
N GLY A 96 -16.38 4.52 15.50
CA GLY A 96 -16.52 5.90 15.03
C GLY A 96 -17.07 6.85 16.08
N THR A 97 -18.07 6.37 16.81
CA THR A 97 -18.65 7.14 17.92
C THR A 97 -17.63 7.36 19.04
N ILE A 98 -16.89 6.31 19.38
CA ILE A 98 -15.87 6.39 20.43
C ILE A 98 -14.73 7.34 20.02
N ARG A 99 -14.26 7.21 18.78
CA ARG A 99 -13.18 8.05 18.28
C ARG A 99 -13.51 9.54 18.27
N ASN A 100 -14.75 9.87 17.89
CA ASN A 100 -15.20 11.27 17.88
C ASN A 100 -15.25 11.91 19.26
N ILE A 101 -15.66 11.13 20.27
CA ILE A 101 -15.71 11.63 21.65
C ILE A 101 -14.30 11.79 22.24
N LEU A 102 -13.44 10.79 22.02
CA LEU A 102 -12.11 10.78 22.62
C LEU A 102 -11.06 11.54 21.80
N GLY A 103 -11.20 11.55 20.49
CA GLY A 103 -10.14 12.01 19.61
C GLY A 103 -8.97 11.04 19.65
N GLY A 104 -7.84 11.45 19.10
CA GLY A 104 -6.62 10.64 19.13
C GLY A 104 -6.26 10.03 17.79
N THR A 105 -5.20 9.23 17.81
CA THR A 105 -4.64 8.61 16.60
C THR A 105 -4.56 7.10 16.77
N VAL A 106 -5.01 6.37 15.74
CA VAL A 106 -5.00 4.92 15.76
C VAL A 106 -3.65 4.39 15.28
N PHE A 107 -2.99 3.62 16.13
CA PHE A 107 -1.72 2.98 15.80
C PHE A 107 -1.89 1.47 15.71
N ARG A 108 -1.34 0.87 14.65
CA ARG A 108 -1.41 -0.58 14.45
C ARG A 108 -0.03 -1.22 14.61
N GLU A 109 0.04 -2.21 15.51
CA GLU A 109 1.28 -2.91 15.81
C GLU A 109 1.10 -4.42 15.65
N ALA A 110 2.06 -5.05 14.98
CA ALA A 110 2.05 -6.50 14.82
C ALA A 110 2.59 -7.19 16.08
N ILE A 111 2.19 -8.44 16.27
CA ILE A 111 2.78 -9.29 17.29
C ILE A 111 3.86 -10.09 16.59
N ILE A 112 5.12 -9.85 16.94
CA ILE A 112 6.25 -10.44 16.21
C ILE A 112 6.50 -11.87 16.67
N CYS A 113 6.41 -12.81 15.73
CA CYS A 113 6.77 -14.21 15.95
C CYS A 113 7.79 -14.62 14.89
N LYS A 114 8.92 -15.14 15.34
CA LYS A 114 10.07 -15.41 14.45
C LYS A 114 9.78 -16.43 13.35
N ASN A 115 8.93 -17.42 13.64
CA ASN A 115 8.59 -18.47 12.66
C ASN A 115 7.44 -18.10 11.70
N ILE A 116 6.87 -16.91 11.83
CA ILE A 116 5.77 -16.48 10.96
C ILE A 116 6.30 -15.63 9.81
N PRO A 117 6.10 -16.09 8.56
CA PRO A 117 6.54 -15.34 7.37
C PRO A 117 6.06 -13.89 7.34
N ARG A 118 6.87 -13.04 6.73
CA ARG A 118 6.64 -11.60 6.70
C ARG A 118 7.00 -11.08 5.32
N LEU A 119 6.58 -9.86 5.00
CA LEU A 119 6.80 -9.28 3.68
C LEU A 119 8.29 -9.16 3.36
N VAL A 120 9.04 -8.61 4.31
CA VAL A 120 10.49 -8.50 4.21
C VAL A 120 11.10 -9.33 5.33
N SER A 121 11.95 -10.30 4.97
CA SER A 121 12.59 -11.19 5.96
C SER A 121 13.49 -10.43 6.93
N GLY A 122 14.06 -9.31 6.48
CA GLY A 122 14.87 -8.45 7.33
C GLY A 122 14.14 -7.80 8.49
N TRP A 123 12.82 -7.67 8.41
CA TRP A 123 12.02 -7.11 9.51
C TRP A 123 12.03 -8.02 10.73
N VAL A 124 12.79 -7.62 11.75
CA VAL A 124 12.86 -8.35 13.02
C VAL A 124 12.20 -7.58 14.17
N LYS A 125 11.92 -6.30 13.96
CA LYS A 125 11.28 -5.45 14.95
C LYS A 125 10.00 -4.84 14.35
N PRO A 126 9.07 -4.39 15.22
CA PRO A 126 7.77 -3.94 14.72
C PRO A 126 7.82 -2.59 14.01
N ILE A 127 7.00 -2.45 12.97
CA ILE A 127 6.81 -1.16 12.28
C ILE A 127 5.40 -0.68 12.62
N ILE A 128 5.31 0.22 13.59
CA ILE A 128 4.03 0.68 14.12
C ILE A 128 3.52 1.88 13.31
N ILE A 129 2.48 1.64 12.52
CA ILE A 129 1.92 2.66 11.63
C ILE A 129 0.72 3.34 12.25
N GLY A 130 0.70 4.67 12.16
CA GLY A 130 -0.42 5.47 12.65
C GLY A 130 -0.95 6.38 11.58
N HIS A 131 -2.26 6.30 11.32
CA HIS A 131 -2.91 7.13 10.32
C HIS A 131 -3.65 8.31 10.95
N HIS A 132 -3.79 9.39 10.18
CA HIS A 132 -4.45 10.60 10.65
C HIS A 132 -5.97 10.41 10.71
N ARG A 139 -13.85 15.08 6.18
CA ARG A 139 -15.00 14.87 5.33
C ARG A 139 -14.61 14.82 3.85
N ALA A 140 -15.42 14.15 3.05
CA ALA A 140 -15.15 13.98 1.63
C ALA A 140 -15.52 15.24 0.84
N THR A 141 -16.81 15.53 0.74
CA THR A 141 -17.32 16.65 -0.08
C THR A 141 -16.85 16.57 -1.53
N ASP A 142 -17.41 15.61 -2.27
CA ASP A 142 -17.13 15.45 -3.69
C ASP A 142 -18.43 15.54 -4.47
N PHE A 143 -18.35 15.89 -5.75
CA PHE A 143 -19.53 16.02 -6.59
C PHE A 143 -19.22 15.88 -8.08
N VAL A 144 -20.26 15.63 -8.86
CA VAL A 144 -20.16 15.51 -10.31
C VAL A 144 -20.23 16.91 -10.93
N VAL A 145 -19.46 17.11 -11.99
CA VAL A 145 -19.53 18.32 -12.80
C VAL A 145 -20.22 17.91 -14.12
N PRO A 146 -21.52 18.24 -14.28
CA PRO A 146 -22.28 17.77 -15.43
C PRO A 146 -21.81 18.33 -16.78
N GLY A 147 -21.41 19.60 -16.79
CA GLY A 147 -20.97 20.26 -18.01
C GLY A 147 -20.07 21.45 -17.73
N PRO A 148 -19.82 22.28 -18.75
CA PRO A 148 -18.93 23.44 -18.64
C PRO A 148 -19.33 24.43 -17.54
N GLY A 149 -18.32 25.04 -16.91
CA GLY A 149 -18.54 25.97 -15.80
C GLY A 149 -17.36 25.99 -14.84
N LYS A 150 -17.37 26.95 -13.93
CA LYS A 150 -16.27 27.12 -12.97
C LYS A 150 -16.53 26.38 -11.68
N VAL A 151 -15.51 25.67 -11.20
CA VAL A 151 -15.49 25.19 -9.83
C VAL A 151 -14.51 26.09 -9.07
N GLU A 152 -15.00 26.70 -8.00
CA GLU A 152 -14.19 27.58 -7.17
C GLU A 152 -14.27 27.12 -5.72
N ILE A 153 -13.22 27.39 -4.97
CA ILE A 153 -13.18 27.10 -3.54
C ILE A 153 -12.87 28.40 -2.83
N THR A 154 -13.67 28.72 -1.82
CA THR A 154 -13.59 30.04 -1.18
C THR A 154 -13.37 29.92 0.32
N TYR A 155 -12.68 30.89 0.87
CA TYR A 155 -12.51 31.01 2.31
C TYR A 155 -13.11 32.34 2.76
N THR A 156 -14.05 32.27 3.69
CA THR A 156 -14.72 33.45 4.24
C THR A 156 -14.33 33.58 5.71
N PRO A 157 -13.40 34.50 6.03
CA PRO A 157 -12.97 34.68 7.41
C PRO A 157 -14.14 34.99 8.35
N SER A 158 -14.11 34.40 9.55
CA SER A 158 -15.14 34.63 10.55
C SER A 158 -15.14 36.07 11.06
N ASP A 159 -13.99 36.74 10.97
CA ASP A 159 -13.85 38.11 11.45
C ASP A 159 -14.28 39.21 10.45
N GLY A 160 -14.85 38.80 9.32
CA GLY A 160 -15.46 39.73 8.37
C GLY A 160 -14.52 40.35 7.36
N THR A 161 -13.24 39.99 7.40
CA THR A 161 -12.27 40.51 6.42
C THR A 161 -12.49 39.83 5.08
N GLN A 162 -11.96 40.42 4.01
CA GLN A 162 -12.33 40.05 2.65
C GLN A 162 -12.17 38.56 2.38
N LYS A 163 -13.16 37.98 1.71
CA LYS A 163 -13.13 36.55 1.41
C LYS A 163 -12.17 36.25 0.27
N VAL A 164 -11.64 35.04 0.27
CA VAL A 164 -10.64 34.62 -0.70
C VAL A 164 -11.27 33.59 -1.64
N THR A 165 -11.04 33.76 -2.94
CA THR A 165 -11.57 32.85 -3.95
C THR A 165 -10.45 32.25 -4.79
N TYR A 166 -10.36 30.93 -4.79
CA TYR A 166 -9.40 30.21 -5.63
C TYR A 166 -10.14 29.46 -6.72
N LEU A 167 -9.64 29.55 -7.95
CA LEU A 167 -10.17 28.77 -9.07
C LEU A 167 -9.58 27.37 -9.02
N VAL A 168 -10.45 26.37 -8.86
CA VAL A 168 -10.01 24.97 -8.87
C VAL A 168 -9.82 24.54 -10.32
N HIS A 169 -10.87 24.73 -11.12
CA HIS A 169 -10.80 24.50 -12.56
C HIS A 169 -11.98 25.15 -13.26
N ASN A 170 -11.70 25.74 -14.42
CA ASN A 170 -12.74 26.20 -15.33
C ASN A 170 -12.93 25.14 -16.42
N PHE A 171 -14.05 24.42 -16.34
CA PHE A 171 -14.40 23.43 -17.36
C PHE A 171 -14.93 24.18 -18.58
N GLU A 172 -14.13 24.27 -19.63
CA GLU A 172 -14.49 25.03 -20.83
C GLU A 172 -15.32 24.19 -21.80
N GLU A 173 -15.02 22.90 -21.87
CA GLU A 173 -15.86 21.95 -22.61
C GLU A 173 -15.89 20.62 -21.87
N GLY A 174 -17.04 19.98 -21.88
CA GLY A 174 -17.21 18.68 -21.21
C GLY A 174 -17.36 18.80 -19.71
N GLY A 175 -17.71 17.68 -19.09
CA GLY A 175 -17.91 17.62 -17.65
C GLY A 175 -16.72 17.00 -16.95
N GLY A 176 -16.97 16.47 -15.76
CA GLY A 176 -15.92 15.88 -14.96
C GLY A 176 -16.36 15.70 -13.53
N VAL A 177 -15.42 15.88 -12.61
CA VAL A 177 -15.66 15.66 -11.20
C VAL A 177 -14.78 16.63 -10.40
N ALA A 178 -15.26 17.05 -9.24
CA ALA A 178 -14.51 17.97 -8.37
C ALA A 178 -14.67 17.58 -6.90
N MET A 179 -13.79 18.09 -6.06
CA MET A 179 -13.70 17.66 -4.67
C MET A 179 -13.05 18.73 -3.79
N GLY A 180 -13.49 18.79 -2.52
CA GLY A 180 -12.92 19.70 -1.54
C GLY A 180 -12.52 18.95 -0.28
N MET A 181 -11.35 19.28 0.27
CA MET A 181 -10.88 18.64 1.51
C MET A 181 -10.29 19.70 2.44
N TYR A 182 -10.10 19.32 3.70
CA TYR A 182 -9.60 20.24 4.72
C TYR A 182 -8.84 19.51 5.82
N ASN A 183 -8.15 20.28 6.66
CA ASN A 183 -7.54 19.75 7.87
C ASN A 183 -7.22 20.87 8.85
N GLN A 184 -7.74 20.75 10.07
CA GLN A 184 -7.52 21.76 11.11
C GLN A 184 -6.15 21.58 11.74
N ASP A 185 -5.49 22.71 12.05
CA ASP A 185 -4.20 22.70 12.74
C ASP A 185 -4.28 21.90 14.04
N LYS A 186 -5.39 22.06 14.77
CA LYS A 186 -5.62 21.33 16.01
C LYS A 186 -5.51 19.81 15.82
N SER A 187 -6.09 19.28 14.75
CA SER A 187 -6.03 17.85 14.46
C SER A 187 -4.60 17.41 14.16
N ILE A 188 -3.87 18.26 13.45
CA ILE A 188 -2.47 17.97 13.11
C ILE A 188 -1.63 17.97 14.39
N GLU A 189 -1.92 18.92 15.28
CA GLU A 189 -1.24 19.01 16.57
C GLU A 189 -1.47 17.75 17.41
N ASP A 190 -2.73 17.32 17.50
CA ASP A 190 -3.09 16.07 18.17
C ASP A 190 -2.34 14.88 17.58
N PHE A 191 -2.31 14.82 16.26
CA PHE A 191 -1.62 13.77 15.52
C PHE A 191 -0.12 13.75 15.87
N ALA A 192 0.48 14.94 15.93
CA ALA A 192 1.88 15.08 16.29
C ALA A 192 2.15 14.59 17.71
N HIS A 193 1.39 15.11 18.68
CA HIS A 193 1.58 14.75 20.08
C HIS A 193 1.44 13.23 20.30
N SER A 194 0.37 12.66 19.77
CA SER A 194 0.13 11.21 19.89
C SER A 194 1.29 10.40 19.32
N SER A 195 1.84 10.84 18.19
CA SER A 195 2.94 10.15 17.53
C SER A 195 4.24 10.21 18.35
N PHE A 196 4.56 11.38 18.89
CA PHE A 196 5.76 11.54 19.71
C PHE A 196 5.67 10.73 20.99
N GLN A 197 4.49 10.76 21.63
CA GLN A 197 4.24 9.99 22.86
C GLN A 197 4.35 8.50 22.61
N MET A 198 3.84 8.05 21.47
CA MET A 198 3.92 6.64 21.07
C MET A 198 5.37 6.20 20.89
N ALA A 199 6.16 7.05 20.24
CA ALA A 199 7.57 6.78 20.00
C ALA A 199 8.36 6.67 21.32
N LEU A 200 7.99 7.50 22.30
CA LEU A 200 8.64 7.48 23.61
C LEU A 200 8.24 6.26 24.43
N SER A 201 6.95 5.93 24.43
CA SER A 201 6.44 4.82 25.24
C SER A 201 7.00 3.47 24.77
N LYS A 202 7.12 3.30 23.45
CA LYS A 202 7.65 2.06 22.87
C LYS A 202 9.19 2.09 22.74
N GLY A 203 9.76 3.28 22.66
CA GLY A 203 11.21 3.43 22.58
C GLY A 203 11.76 3.17 21.19
N TRP A 204 11.18 3.86 20.20
CA TRP A 204 11.67 3.79 18.82
C TRP A 204 11.59 5.17 18.14
N PRO A 205 12.38 5.37 17.07
CA PRO A 205 12.31 6.62 16.31
C PRO A 205 10.98 6.80 15.56
N LEU A 206 10.62 8.05 15.32
CA LEU A 206 9.39 8.41 14.63
C LEU A 206 9.70 9.01 13.26
N TYR A 207 8.91 8.63 12.25
CA TYR A 207 9.01 9.22 10.92
C TYR A 207 7.64 9.71 10.48
N LEU A 208 7.60 10.89 9.87
CA LEU A 208 6.40 11.41 9.22
C LEU A 208 6.60 11.33 7.71
N SER A 209 5.56 10.86 7.01
CA SER A 209 5.58 10.79 5.55
C SER A 209 4.48 11.70 4.99
N THR A 210 4.86 12.54 4.02
CA THR A 210 3.91 13.41 3.32
C THR A 210 4.29 13.54 1.85
N LYS A 211 3.42 14.15 1.07
CA LYS A 211 3.69 14.51 -0.32
C LYS A 211 3.81 16.02 -0.45
N ASN A 212 4.66 16.63 0.38
CA ASN A 212 4.76 18.10 0.44
C ASN A 212 5.50 18.75 -0.73
N THR A 213 6.09 17.95 -1.61
CA THR A 213 6.65 18.46 -2.86
C THR A 213 5.54 18.83 -3.84
N ILE A 214 4.44 18.09 -3.79
CA ILE A 214 3.28 18.33 -4.65
C ILE A 214 2.29 19.27 -3.97
N LEU A 215 1.83 18.89 -2.78
CA LEU A 215 0.96 19.73 -1.96
C LEU A 215 1.81 20.53 -0.98
N LYS A 216 2.41 21.60 -1.49
CA LYS A 216 3.38 22.38 -0.73
C LYS A 216 2.77 23.06 0.49
N LYS A 217 1.52 23.49 0.39
CA LYS A 217 0.84 24.20 1.46
C LYS A 217 0.06 23.26 2.38
N TYR A 218 -0.55 22.21 1.81
CA TYR A 218 -1.38 21.27 2.57
C TYR A 218 -0.54 20.33 3.41
N ASP A 219 0.35 19.59 2.76
CA ASP A 219 1.23 18.64 3.44
C ASP A 219 2.39 19.35 4.14
N GLY A 220 2.74 20.54 3.67
CA GLY A 220 3.76 21.37 4.34
C GLY A 220 3.36 21.73 5.76
N ARG A 221 2.08 21.94 5.99
CA ARG A 221 1.56 22.22 7.34
C ARG A 221 1.84 21.07 8.30
N PHE A 222 1.71 19.83 7.82
CA PHE A 222 2.00 18.66 8.64
C PHE A 222 3.48 18.59 8.98
N LYS A 223 4.33 18.82 7.98
CA LYS A 223 5.79 18.83 8.18
C LYS A 223 6.21 19.93 9.16
N ASP A 224 5.64 21.12 8.99
CA ASP A 224 6.00 22.27 9.83
C ASP A 224 5.54 22.09 11.28
N ILE A 225 4.30 21.66 11.46
CA ILE A 225 3.74 21.48 12.81
C ILE A 225 4.46 20.37 13.59
N PHE A 226 4.78 19.27 12.92
CA PHE A 226 5.56 18.20 13.56
C PHE A 226 6.92 18.69 14.05
N GLN A 227 7.63 19.43 13.20
CA GLN A 227 8.95 19.96 13.54
C GLN A 227 8.90 20.97 14.69
N GLU A 228 7.92 21.88 14.65
CA GLU A 228 7.77 22.90 15.69
C GLU A 228 7.46 22.29 17.05
N ILE A 229 6.60 21.27 17.08
CA ILE A 229 6.27 20.58 18.32
C ILE A 229 7.42 19.66 18.77
N TYR A 230 8.15 19.09 17.82
CA TYR A 230 9.31 18.27 18.16
C TYR A 230 10.41 19.11 18.81
N ASP A 231 10.82 20.16 18.11
CA ASP A 231 11.89 21.04 18.60
C ASP A 231 11.54 21.70 19.93
N LYS A 232 10.27 22.04 20.13
CA LYS A 232 9.84 22.70 21.36
C LYS A 232 9.68 21.75 22.54
N GLN A 233 8.95 20.65 22.34
CA GLN A 233 8.46 19.83 23.46
C GLN A 233 9.06 18.43 23.60
N TYR A 234 9.62 17.86 22.55
CA TYR A 234 10.01 16.44 22.57
C TYR A 234 11.47 16.11 22.24
N LYS A 235 12.22 17.05 21.68
CA LYS A 235 13.59 16.76 21.24
C LYS A 235 14.49 16.30 22.39
N SER A 236 14.39 16.98 23.54
CA SER A 236 15.19 16.61 24.72
C SER A 236 14.91 15.20 25.22
N GLN A 237 13.63 14.82 25.24
CA GLN A 237 13.21 13.52 25.74
C GLN A 237 13.58 12.39 24.77
N PHE A 238 13.56 12.70 23.48
CA PHE A 238 13.95 11.74 22.44
C PHE A 238 15.44 11.40 22.51
N GLU A 239 16.27 12.44 22.58
CA GLU A 239 17.73 12.27 22.65
C GLU A 239 18.17 11.50 23.89
N ALA A 240 17.39 11.58 24.97
CA ALA A 240 17.67 10.84 26.20
C ALA A 240 17.63 9.33 26.00
N GLN A 241 16.73 8.86 25.14
CA GLN A 241 16.56 7.42 24.90
C GLN A 241 17.27 6.94 23.61
N LYS A 242 18.10 7.79 23.02
CA LYS A 242 18.80 7.48 21.77
C LYS A 242 17.79 7.32 20.62
N ILE A 243 16.88 8.28 20.52
CA ILE A 243 15.77 8.25 19.57
C ILE A 243 15.73 9.59 18.83
N TRP A 244 15.18 9.58 17.61
CA TRP A 244 15.10 10.78 16.78
C TRP A 244 13.78 10.87 16.01
N TYR A 245 13.50 12.06 15.48
CA TYR A 245 12.39 12.28 14.56
C TYR A 245 12.89 12.90 13.26
N GLU A 246 12.43 12.39 12.13
CA GLU A 246 12.75 12.95 10.83
C GLU A 246 11.57 12.87 9.86
N HIS A 247 11.46 13.87 8.99
CA HIS A 247 10.45 13.88 7.94
C HIS A 247 10.98 13.12 6.72
N ARG A 248 10.07 12.44 6.01
CA ARG A 248 10.40 11.74 4.77
C ARG A 248 9.29 11.96 3.75
N LEU A 249 9.64 11.81 2.48
CA LEU A 249 8.64 11.78 1.40
C LEU A 249 8.12 10.35 1.30
N ILE A 250 6.84 10.20 0.94
CA ILE A 250 6.19 8.89 0.98
C ILE A 250 6.91 7.85 0.11
N ASP A 251 7.39 8.28 -1.05
CA ASP A 251 8.14 7.39 -1.95
C ASP A 251 9.45 6.93 -1.33
N ASP A 252 10.17 7.86 -0.69
CA ASP A 252 11.42 7.55 -0.01
C ASP A 252 11.17 6.69 1.22
N MET A 253 10.09 6.99 1.95
CA MET A 253 9.78 6.28 3.19
C MET A 253 9.51 4.80 2.96
N VAL A 254 8.70 4.47 1.95
CA VAL A 254 8.40 3.07 1.64
C VAL A 254 9.65 2.31 1.18
N ALA A 255 10.44 2.92 0.30
CA ALA A 255 11.64 2.28 -0.22
C ALA A 255 12.64 1.97 0.88
N GLN A 256 12.78 2.90 1.83
CA GLN A 256 13.67 2.71 2.98
C GLN A 256 13.14 1.66 3.95
N ALA A 257 11.83 1.68 4.18
CA ALA A 257 11.18 0.71 5.06
C ALA A 257 11.31 -0.72 4.55
N MET A 258 11.19 -0.90 3.23
CA MET A 258 11.31 -2.21 2.61
C MET A 258 12.74 -2.76 2.68
N LYS A 259 13.72 -1.89 2.92
CA LYS A 259 15.11 -2.30 3.14
C LYS A 259 15.57 -1.97 4.57
N SER A 260 14.66 -2.11 5.53
CA SER A 260 14.96 -1.81 6.94
C SER A 260 14.86 -3.08 7.78
N GLU A 261 15.18 -2.94 9.06
CA GLU A 261 14.98 -4.02 10.04
C GLU A 261 13.70 -3.82 10.84
N GLY A 262 12.97 -2.75 10.54
CA GLY A 262 11.81 -2.36 11.34
C GLY A 262 12.26 -1.70 12.63
N GLY A 263 11.32 -1.53 13.55
CA GLY A 263 11.60 -0.87 14.83
C GLY A 263 11.49 0.63 14.73
N PHE A 264 10.35 1.11 14.25
CA PHE A 264 10.09 2.55 14.19
C PHE A 264 8.59 2.86 14.11
N ILE A 265 8.24 4.10 14.46
CA ILE A 265 6.88 4.59 14.34
C ILE A 265 6.76 5.34 13.01
N TRP A 266 5.70 5.05 12.27
CA TRP A 266 5.46 5.64 10.96
C TRP A 266 4.14 6.41 10.99
N ALA A 267 4.21 7.72 11.20
CA ALA A 267 3.05 8.59 11.12
C ALA A 267 2.76 8.88 9.65
N CYS A 268 1.61 8.43 9.16
CA CYS A 268 1.29 8.48 7.73
C CYS A 268 0.19 9.50 7.44
N LYS A 269 0.43 10.36 6.47
CA LYS A 269 -0.56 11.33 6.01
C LYS A 269 -1.12 10.87 4.66
N ASN A 270 -2.39 10.46 4.66
CA ASN A 270 -3.10 10.04 3.45
C ASN A 270 -4.24 10.99 3.15
N ASP A 278 -3.76 -2.01 5.74
CA ASP A 278 -4.63 -2.96 6.44
C ASP A 278 -4.69 -4.29 5.71
N SER A 279 -5.01 -4.23 4.41
CA SER A 279 -5.10 -5.42 3.58
C SER A 279 -3.71 -5.97 3.18
N VAL A 280 -2.69 -5.12 3.27
CA VAL A 280 -1.31 -5.56 3.05
C VAL A 280 -0.81 -6.33 4.28
N ALA A 281 -1.20 -5.86 5.47
CA ALA A 281 -0.78 -6.47 6.74
C ALA A 281 -1.37 -7.86 7.00
N GLN A 282 -2.45 -8.21 6.30
CA GLN A 282 -3.10 -9.51 6.48
C GLN A 282 -2.26 -10.68 5.97
N GLY A 283 -1.25 -10.39 5.14
CA GLY A 283 -0.29 -11.40 4.70
C GLY A 283 0.56 -11.96 5.83
N TYR A 284 0.82 -11.15 6.85
CA TYR A 284 1.54 -11.59 8.05
C TYR A 284 0.61 -12.41 8.93
N GLY A 285 0.53 -13.72 8.65
CA GLY A 285 -0.40 -14.62 9.33
C GLY A 285 -1.83 -14.27 9.02
N SER A 286 -2.36 -13.29 9.74
CA SER A 286 -3.67 -12.69 9.45
C SER A 286 -3.78 -11.40 10.25
N LEU A 287 -4.94 -10.76 10.21
CA LEU A 287 -5.20 -9.61 11.08
C LEU A 287 -5.36 -10.04 12.55
N GLY A 288 -5.43 -11.34 12.79
CA GLY A 288 -5.30 -11.89 14.13
C GLY A 288 -3.97 -11.61 14.81
N MET A 289 -2.97 -11.14 14.05
CA MET A 289 -1.67 -10.76 14.60
C MET A 289 -1.45 -9.24 14.56
N MET A 290 -2.53 -8.46 14.64
CA MET A 290 -2.46 -7.00 14.60
C MET A 290 -3.42 -6.40 15.62
N THR A 291 -2.91 -5.54 16.50
CA THR A 291 -3.78 -4.76 17.39
C THR A 291 -3.91 -3.35 16.86
N SER A 292 -4.94 -2.67 17.35
CA SER A 292 -5.24 -1.30 16.97
C SER A 292 -5.46 -0.48 18.24
N VAL A 293 -4.51 0.38 18.57
CA VAL A 293 -4.57 1.20 19.77
C VAL A 293 -4.81 2.67 19.44
N LEU A 294 -5.91 3.21 19.98
CA LEU A 294 -6.19 4.64 19.88
C LEU A 294 -5.43 5.37 20.96
N VAL A 295 -4.54 6.27 20.55
CA VAL A 295 -3.72 7.04 21.49
C VAL A 295 -4.16 8.50 21.46
N CYS A 296 -4.73 8.97 22.56
CA CYS A 296 -5.19 10.36 22.66
C CYS A 296 -4.01 11.28 22.94
N PRO A 297 -4.11 12.55 22.50
CA PRO A 297 -2.99 13.49 22.60
C PRO A 297 -2.63 13.93 24.04
N ASP A 298 -3.52 13.68 25.00
CA ASP A 298 -3.24 14.03 26.40
C ASP A 298 -2.16 13.16 27.06
N GLY A 299 -1.79 12.05 26.42
CA GLY A 299 -0.78 11.14 26.96
C GLY A 299 -1.31 10.19 28.03
N LYS A 300 -2.59 10.34 28.37
CA LYS A 300 -3.21 9.57 29.45
C LYS A 300 -4.21 8.52 28.95
N THR A 301 -5.00 8.87 27.93
CA THR A 301 -6.13 8.06 27.53
C THR A 301 -5.81 7.16 26.34
N VAL A 302 -6.15 5.88 26.48
CA VAL A 302 -5.89 4.86 25.46
C VAL A 302 -7.08 3.91 25.33
N GLU A 303 -7.38 3.51 24.10
CA GLU A 303 -8.33 2.43 23.84
C GLU A 303 -7.69 1.38 22.94
N ALA A 304 -7.67 0.14 23.41
CA ALA A 304 -7.02 -0.95 22.69
C ALA A 304 -8.05 -1.97 22.20
N GLU A 305 -7.87 -2.45 20.97
CA GLU A 305 -8.67 -3.53 20.42
C GLU A 305 -7.89 -4.28 19.35
N ALA A 306 -8.47 -5.38 18.87
CA ALA A 306 -7.90 -6.11 17.74
C ALA A 306 -8.13 -5.33 16.45
N ALA A 307 -7.27 -5.53 15.46
CA ALA A 307 -7.38 -4.84 14.18
C ALA A 307 -8.35 -5.52 13.21
N HIS A 308 -8.89 -6.67 13.61
CA HIS A 308 -9.84 -7.41 12.80
C HIS A 308 -11.26 -7.24 13.32
N GLY A 309 -12.21 -7.76 12.53
CA GLY A 309 -13.62 -7.71 12.89
C GLY A 309 -14.06 -8.89 13.73
N THR A 310 -15.36 -9.20 13.67
CA THR A 310 -15.97 -10.22 14.51
C THR A 310 -15.78 -11.64 13.98
N VAL A 311 -15.18 -11.77 12.79
CA VAL A 311 -14.89 -13.06 12.18
C VAL A 311 -16.18 -13.86 11.96
N THR A 312 -17.13 -13.22 11.29
CA THR A 312 -18.47 -13.77 11.07
C THR A 312 -18.46 -15.18 10.47
N ARG A 313 -17.59 -15.43 9.50
CA ARG A 313 -17.55 -16.73 8.83
C ARG A 313 -17.25 -17.85 9.83
N HIS A 314 -16.31 -17.60 10.74
CA HIS A 314 -15.97 -18.56 11.78
C HIS A 314 -17.13 -18.75 12.77
N TYR A 315 -17.83 -17.66 13.09
CA TYR A 315 -18.98 -17.72 13.99
C TYR A 315 -20.12 -18.60 13.43
N ARG A 316 -20.38 -18.53 12.13
CA ARG A 316 -21.42 -19.36 11.52
C ARG A 316 -21.12 -20.84 11.70
N MET A 317 -19.85 -21.21 11.55
CA MET A 317 -19.41 -22.59 11.79
C MET A 317 -19.60 -22.97 13.25
N TYR A 318 -19.27 -22.04 14.15
CA TYR A 318 -19.46 -22.24 15.60
C TYR A 318 -20.93 -22.44 15.98
N GLN A 319 -21.83 -21.70 15.32
CA GLN A 319 -23.27 -21.85 15.54
C GLN A 319 -23.79 -23.23 15.15
N LYS A 320 -23.17 -23.83 14.14
CA LYS A 320 -23.53 -25.17 13.66
C LYS A 320 -22.84 -26.30 14.43
N GLY A 321 -22.02 -25.95 15.42
CA GLY A 321 -21.29 -26.96 16.20
C GLY A 321 -20.06 -27.50 15.50
N GLN A 322 -19.65 -26.87 14.39
CA GLN A 322 -18.45 -27.27 13.67
C GLN A 322 -17.22 -26.72 14.37
N GLU A 323 -16.08 -27.38 14.16
CA GLU A 323 -14.83 -26.99 14.79
C GLU A 323 -14.33 -25.68 14.18
N THR A 324 -13.81 -24.80 15.01
CA THR A 324 -13.25 -23.53 14.56
C THR A 324 -11.81 -23.38 15.01
N SER A 325 -11.04 -22.62 14.25
CA SER A 325 -9.68 -22.25 14.63
C SER A 325 -9.53 -20.76 14.38
N THR A 326 -9.85 -19.97 15.40
CA THR A 326 -9.80 -18.51 15.31
C THR A 326 -8.65 -18.01 16.18
N ASN A 327 -7.86 -17.09 15.63
CA ASN A 327 -6.67 -16.56 16.31
C ASN A 327 -7.05 -15.53 17.37
N PRO A 328 -6.78 -15.83 18.66
CA PRO A 328 -7.13 -14.88 19.74
C PRO A 328 -6.02 -13.88 20.09
N ILE A 329 -4.90 -13.92 19.38
CA ILE A 329 -3.72 -13.12 19.75
C ILE A 329 -4.01 -11.61 19.77
N ALA A 330 -4.58 -11.09 18.70
CA ALA A 330 -4.90 -9.67 18.61
C ALA A 330 -5.82 -9.24 19.77
N SER A 331 -6.82 -10.05 20.07
CA SER A 331 -7.72 -9.80 21.19
C SER A 331 -6.95 -9.87 22.52
N ILE A 332 -6.09 -10.86 22.68
CA ILE A 332 -5.27 -10.98 23.88
C ILE A 332 -4.38 -9.74 24.06
N PHE A 333 -3.78 -9.29 22.96
CA PHE A 333 -2.89 -8.13 23.03
C PHE A 333 -3.63 -6.80 23.19
N ALA A 334 -4.92 -6.78 22.91
CA ALA A 334 -5.76 -5.63 23.29
C ALA A 334 -5.74 -5.49 24.80
N TRP A 335 -5.90 -6.62 25.50
CA TRP A 335 -5.87 -6.64 26.96
C TRP A 335 -4.48 -6.27 27.50
N THR A 336 -3.43 -6.90 26.98
CA THR A 336 -2.09 -6.70 27.54
C THR A 336 -1.58 -5.28 27.34
N ARG A 337 -1.81 -4.71 26.16
CA ARG A 337 -1.42 -3.33 25.89
C ARG A 337 -2.31 -2.33 26.63
N GLY A 338 -3.56 -2.71 26.89
CA GLY A 338 -4.44 -1.93 27.75
C GLY A 338 -3.95 -1.94 29.19
N LEU A 339 -3.67 -3.13 29.71
CA LEU A 339 -3.17 -3.29 31.08
C LEU A 339 -1.76 -2.72 31.27
N ALA A 340 -0.93 -2.77 30.23
CA ALA A 340 0.41 -2.18 30.28
C ALA A 340 0.33 -0.67 30.44
N HIS A 341 -0.62 -0.05 29.75
CA HIS A 341 -0.84 1.39 29.92
C HIS A 341 -1.40 1.72 31.30
N ARG A 342 -2.32 0.88 31.78
CA ARG A 342 -2.86 1.01 33.14
C ARG A 342 -1.74 0.98 34.18
N ALA A 343 -0.83 0.01 34.02
CA ALA A 343 0.31 -0.14 34.91
C ALA A 343 1.23 1.09 34.91
N LYS A 344 1.47 1.63 33.72
CA LYS A 344 2.30 2.82 33.55
C LYS A 344 1.73 4.05 34.25
N LEU A 345 0.41 4.24 34.14
CA LEU A 345 -0.27 5.37 34.77
C LEU A 345 -0.26 5.30 36.29
N ASP A 346 -0.38 4.09 36.83
CA ASP A 346 -0.48 3.89 38.28
C ASP A 346 0.85 3.47 38.93
N ASN A 347 1.91 3.34 38.12
CA ASN A 347 3.20 2.85 38.60
C ASN A 347 3.04 1.48 39.27
N ASN A 348 2.34 0.59 38.57
CA ASN A 348 1.99 -0.74 39.08
C ASN A 348 2.92 -1.79 38.49
N LYS A 349 4.02 -2.06 39.19
CA LYS A 349 5.06 -2.97 38.71
C LYS A 349 4.56 -4.40 38.50
N GLU A 350 3.65 -4.85 39.36
CA GLU A 350 3.13 -6.22 39.28
C GLU A 350 2.29 -6.40 38.01
N LEU A 351 1.43 -5.43 37.73
CA LEU A 351 0.58 -5.47 36.54
C LEU A 351 1.42 -5.35 35.27
N ALA A 352 2.39 -4.43 35.30
CA ALA A 352 3.33 -4.24 34.20
C ALA A 352 4.01 -5.55 33.83
N PHE A 353 4.48 -6.29 34.84
CA PHE A 353 5.16 -7.57 34.61
C PHE A 353 4.19 -8.62 34.05
N PHE A 354 2.99 -8.68 34.62
CA PHE A 354 1.99 -9.65 34.17
C PHE A 354 1.66 -9.46 32.70
N ALA A 355 1.40 -8.21 32.30
CA ALA A 355 1.06 -7.91 30.91
C ALA A 355 2.16 -8.38 29.96
N ASN A 356 3.40 -8.02 30.29
CA ASN A 356 4.56 -8.50 29.53
C ASN A 356 4.62 -10.02 29.47
N ALA A 357 4.42 -10.66 30.61
CA ALA A 357 4.49 -12.12 30.70
C ALA A 357 3.48 -12.80 29.80
N LEU A 358 2.23 -12.33 29.82
CA LEU A 358 1.19 -12.88 28.96
C LEU A 358 1.53 -12.72 27.49
N GLU A 359 2.10 -11.58 27.11
CA GLU A 359 2.53 -11.34 25.74
C GLU A 359 3.62 -12.32 25.30
N GLU A 360 4.62 -12.51 26.16
CA GLU A 360 5.71 -13.44 25.85
C GLU A 360 5.21 -14.87 25.76
N VAL A 361 4.35 -15.28 26.70
CA VAL A 361 3.73 -16.61 26.66
C VAL A 361 3.04 -16.87 25.33
N SER A 362 2.31 -15.86 24.85
CA SER A 362 1.59 -15.97 23.59
C SER A 362 2.53 -16.12 22.40
N ILE A 363 3.57 -15.30 22.37
CA ILE A 363 4.60 -15.38 21.33
C ILE A 363 5.35 -16.71 21.39
N GLU A 364 5.72 -17.12 22.61
CA GLU A 364 6.45 -18.38 22.82
C GLU A 364 5.67 -19.61 22.39
N THR A 365 4.37 -19.61 22.67
CA THR A 365 3.51 -20.73 22.33
C THR A 365 3.45 -20.95 20.81
N ILE A 366 3.31 -19.85 20.07
CA ILE A 366 3.32 -19.89 18.61
C ILE A 366 4.70 -20.30 18.10
N GLU A 367 5.75 -19.72 18.65
CA GLU A 367 7.13 -20.03 18.24
C GLU A 367 7.54 -21.48 18.53
N ALA A 368 6.88 -22.11 19.51
CA ALA A 368 7.11 -23.52 19.83
C ALA A 368 6.26 -24.48 18.97
N GLY A 369 5.54 -23.94 17.99
CA GLY A 369 4.81 -24.77 17.02
C GLY A 369 3.34 -24.99 17.32
N PHE A 370 2.84 -24.37 18.38
CA PHE A 370 1.43 -24.49 18.75
C PHE A 370 0.68 -23.24 18.26
N MET A 371 -0.18 -23.42 17.27
CA MET A 371 -0.84 -22.28 16.63
C MET A 371 -2.19 -22.61 16.02
N THR A 372 -2.96 -21.56 15.71
CA THR A 372 -4.25 -21.69 15.04
C THR A 372 -4.05 -21.82 13.52
N LYS A 373 -5.11 -22.23 12.82
CA LYS A 373 -5.03 -22.59 11.41
C LYS A 373 -4.52 -21.49 10.50
N ASP A 374 -4.90 -20.24 10.78
CA ASP A 374 -4.45 -19.10 9.96
C ASP A 374 -2.92 -19.00 9.89
N LEU A 375 -2.25 -19.23 11.02
CA LEU A 375 -0.80 -19.13 11.07
C LEU A 375 -0.13 -20.34 10.41
N ALA A 376 -0.68 -21.53 10.66
CA ALA A 376 -0.22 -22.74 9.97
C ALA A 376 -0.34 -22.60 8.45
N ALA A 377 -1.41 -21.95 7.99
CA ALA A 377 -1.63 -21.69 6.56
C ALA A 377 -0.62 -20.69 5.99
N CYS A 378 -0.22 -19.72 6.79
CA CYS A 378 0.79 -18.74 6.38
C CYS A 378 2.15 -19.38 6.19
N ILE A 379 2.48 -20.35 7.05
CA ILE A 379 3.76 -21.05 6.97
C ILE A 379 3.79 -22.08 5.84
N LYS A 380 2.76 -22.93 5.80
CA LYS A 380 2.74 -24.11 4.91
C LYS A 380 1.95 -23.94 3.61
N GLY A 381 1.11 -22.90 3.54
CA GLY A 381 0.19 -22.74 2.41
C GLY A 381 -1.12 -23.45 2.69
N LEU A 382 -2.24 -22.79 2.40
CA LEU A 382 -3.57 -23.28 2.75
C LEU A 382 -3.92 -24.67 2.16
N PRO A 383 -3.63 -24.88 0.87
CA PRO A 383 -3.93 -26.20 0.29
C PRO A 383 -3.15 -27.36 0.92
N ASN A 384 -2.02 -27.04 1.54
CA ASN A 384 -1.14 -28.03 2.17
C ASN A 384 -1.41 -28.29 3.65
N VAL A 385 -2.25 -27.47 4.27
CA VAL A 385 -2.48 -27.57 5.72
C VAL A 385 -3.32 -28.80 6.08
N GLN A 386 -2.83 -29.55 7.05
CA GLN A 386 -3.53 -30.70 7.61
C GLN A 386 -4.02 -30.34 9.00
N ARG A 387 -4.90 -31.17 9.55
CA ARG A 387 -5.46 -30.94 10.89
C ARG A 387 -4.39 -30.98 11.97
N SER A 388 -3.38 -31.84 11.79
CA SER A 388 -2.31 -32.00 12.76
C SER A 388 -1.33 -30.81 12.81
N ASP A 389 -1.45 -29.87 11.87
CA ASP A 389 -0.58 -28.69 11.83
C ASP A 389 -1.03 -27.59 12.80
N TYR A 390 -2.28 -27.61 13.23
CA TYR A 390 -2.83 -26.54 14.07
C TYR A 390 -3.71 -27.03 15.21
N LEU A 391 -4.06 -26.11 16.10
CA LEU A 391 -5.01 -26.36 17.19
C LEU A 391 -6.29 -25.58 16.94
N ASN A 392 -7.42 -26.12 17.40
CA ASN A 392 -8.68 -25.40 17.33
C ASN A 392 -8.70 -24.27 18.37
N THR A 393 -9.75 -23.45 18.33
CA THR A 393 -9.83 -22.25 19.18
C THR A 393 -9.67 -22.59 20.66
N PHE A 394 -10.43 -23.58 21.14
CA PHE A 394 -10.37 -23.96 22.56
C PHE A 394 -9.02 -24.55 22.95
N GLU A 395 -8.48 -25.42 22.09
CA GLU A 395 -7.19 -26.07 22.35
C GLU A 395 -6.06 -25.06 22.49
N PHE A 396 -6.05 -24.04 21.64
CA PHE A 396 -5.01 -23.01 21.67
C PHE A 396 -5.12 -22.17 22.94
N MET A 397 -6.33 -21.81 23.33
CA MET A 397 -6.56 -21.08 24.58
C MET A 397 -6.09 -21.89 25.80
N ASP A 398 -6.42 -23.17 25.83
CA ASP A 398 -5.97 -24.06 26.91
C ASP A 398 -4.45 -24.10 27.00
N LYS A 399 -3.79 -24.18 25.85
CA LYS A 399 -2.33 -24.21 25.79
C LYS A 399 -1.73 -22.91 26.35
N LEU A 400 -2.29 -21.78 25.95
CA LEU A 400 -1.84 -20.48 26.46
C LEU A 400 -1.99 -20.39 27.97
N GLY A 401 -3.12 -20.88 28.48
CA GLY A 401 -3.38 -20.87 29.93
C GLY A 401 -2.40 -21.73 30.70
N GLU A 402 -2.11 -22.91 30.18
CA GLU A 402 -1.13 -23.81 30.79
C GLU A 402 0.27 -23.18 30.79
N ASN A 403 0.67 -22.60 29.67
CA ASN A 403 1.99 -21.94 29.58
C ASN A 403 2.08 -20.69 30.45
N LEU A 404 0.96 -19.97 30.56
CA LEU A 404 0.89 -18.78 31.41
C LEU A 404 1.15 -19.15 32.87
N LYS A 405 0.49 -20.20 33.34
CA LYS A 405 0.68 -20.68 34.71
C LYS A 405 2.13 -21.06 34.99
N ILE A 406 2.74 -21.78 34.04
CA ILE A 406 4.14 -22.20 34.18
C ILE A 406 5.09 -20.99 34.19
N LYS A 407 4.86 -20.05 33.28
CA LYS A 407 5.64 -18.81 33.21
C LYS A 407 5.62 -18.04 34.53
N LEU A 408 4.42 -17.86 35.09
CA LEU A 408 4.27 -17.06 36.32
C LEU A 408 4.89 -17.74 37.55
N ALA A 409 4.90 -19.06 37.57
CA ALA A 409 5.55 -19.82 38.65
C ALA A 409 7.06 -19.62 38.63
N GLN A 410 7.63 -19.51 37.42
CA GLN A 410 9.08 -19.29 37.25
C GLN A 410 9.51 -17.89 37.68
N ALA A 411 8.65 -16.90 37.48
CA ALA A 411 8.96 -15.51 37.81
C ALA A 411 8.97 -15.25 39.32
N LYS A 412 8.28 -16.09 40.09
CA LYS A 412 8.21 -15.94 41.55
C LYS A 412 9.54 -16.18 42.26
N LEU A 413 10.49 -16.81 41.57
CA LEU A 413 11.84 -17.03 42.11
C LEU A 413 12.66 -15.73 42.10
N LYS B 2 21.72 -13.01 -42.46
CA LYS B 2 20.36 -12.48 -42.82
C LYS B 2 19.53 -12.20 -41.57
N LYS B 3 19.84 -11.10 -40.89
CA LYS B 3 19.16 -10.72 -39.67
C LYS B 3 17.75 -10.22 -39.95
N ILE B 4 16.95 -10.12 -38.88
CA ILE B 4 15.56 -9.67 -38.98
C ILE B 4 15.52 -8.16 -39.14
N SER B 5 14.70 -7.68 -40.08
CA SER B 5 14.44 -6.25 -40.20
C SER B 5 13.38 -5.86 -39.19
N GLY B 6 13.80 -5.15 -38.14
CA GLY B 6 12.95 -4.84 -36.99
C GLY B 6 12.21 -3.52 -37.06
N GLY B 7 12.68 -2.59 -37.89
CA GLY B 7 11.98 -1.32 -38.09
C GLY B 7 12.42 -0.23 -37.13
N SER B 8 11.52 0.73 -36.89
CA SER B 8 11.83 1.95 -36.15
C SER B 8 11.59 1.80 -34.66
N VAL B 9 12.67 1.94 -33.88
CA VAL B 9 12.57 1.89 -32.43
C VAL B 9 13.32 3.07 -31.82
N VAL B 10 12.70 3.71 -30.83
CA VAL B 10 13.36 4.76 -30.06
C VAL B 10 13.94 4.10 -28.83
N GLU B 11 15.23 4.32 -28.62
CA GLU B 11 15.95 3.72 -27.50
C GLU B 11 16.56 4.81 -26.63
N MET B 12 16.45 4.64 -25.32
CA MET B 12 16.99 5.60 -24.36
C MET B 12 18.00 4.92 -23.43
N GLN B 13 19.26 5.33 -23.54
CA GLN B 13 20.31 4.86 -22.64
C GLN B 13 20.23 5.60 -21.31
N GLY B 14 20.68 4.93 -20.25
CA GLY B 14 20.54 5.44 -18.90
C GLY B 14 21.82 5.44 -18.09
N ASP B 15 21.70 5.14 -16.80
CA ASP B 15 22.78 5.35 -15.83
C ASP B 15 23.19 4.10 -15.05
N GLU B 16 24.41 4.16 -14.51
CA GLU B 16 24.89 3.23 -13.49
C GLU B 16 24.72 1.76 -13.90
N MET B 17 24.26 0.89 -13.00
CA MET B 17 24.31 -0.55 -13.28
C MET B 17 23.44 -0.94 -14.47
N THR B 18 22.28 -0.31 -14.59
CA THR B 18 21.38 -0.60 -15.71
C THR B 18 21.98 -0.23 -17.06
N ARG B 19 22.77 0.84 -17.10
CA ARG B 19 23.47 1.24 -18.33
C ARG B 19 24.37 0.12 -18.85
N ILE B 20 25.09 -0.53 -17.94
CA ILE B 20 26.00 -1.62 -18.29
C ILE B 20 25.22 -2.84 -18.79
N ILE B 21 24.16 -3.19 -18.06
CA ILE B 21 23.29 -4.30 -18.44
C ILE B 21 22.58 -4.03 -19.78
N TRP B 22 22.15 -2.79 -19.97
CA TRP B 22 21.49 -2.38 -21.21
C TRP B 22 22.37 -2.67 -22.44
N GLU B 23 23.65 -2.32 -22.36
CA GLU B 23 24.58 -2.55 -23.47
C GLU B 23 24.87 -4.03 -23.71
N LEU B 24 24.94 -4.81 -22.62
CA LEU B 24 25.08 -6.25 -22.74
C LEU B 24 23.90 -6.87 -23.47
N ILE B 25 22.70 -6.42 -23.13
CA ILE B 25 21.47 -6.91 -23.78
C ILE B 25 21.50 -6.61 -25.27
N LYS B 26 21.85 -5.38 -25.63
CA LYS B 26 21.96 -4.99 -27.03
C LYS B 26 23.04 -5.80 -27.76
N GLU B 27 24.21 -5.91 -27.12
CA GLU B 27 25.35 -6.62 -27.72
C GLU B 27 25.08 -8.10 -27.94
N LYS B 28 24.61 -8.78 -26.89
CA LYS B 28 24.52 -10.24 -26.89
C LYS B 28 23.16 -10.80 -27.32
N LEU B 29 22.08 -10.07 -27.06
CA LEU B 29 20.72 -10.59 -27.27
C LEU B 29 19.97 -9.98 -28.45
N ILE B 30 20.15 -8.68 -28.72
CA ILE B 30 19.37 -8.00 -29.76
C ILE B 30 20.11 -7.89 -31.09
N PHE B 31 21.25 -7.19 -31.10
CA PHE B 31 21.96 -6.85 -32.34
C PHE B 31 22.45 -8.03 -33.20
N PRO B 32 22.82 -9.16 -32.58
CA PRO B 32 23.21 -10.31 -33.40
C PRO B 32 22.08 -10.90 -34.26
N TYR B 33 20.83 -10.61 -33.89
CA TYR B 33 19.67 -11.18 -34.59
C TYR B 33 18.74 -10.17 -35.23
N VAL B 34 18.82 -8.90 -34.82
CA VAL B 34 17.86 -7.88 -35.26
C VAL B 34 18.56 -6.59 -35.68
N GLU B 35 18.20 -6.09 -36.86
CA GLU B 35 18.63 -4.78 -37.33
C GLU B 35 17.49 -3.80 -37.13
N LEU B 36 17.81 -2.61 -36.62
CA LEU B 36 16.80 -1.60 -36.33
C LEU B 36 17.18 -0.26 -36.94
N ASP B 37 16.16 0.49 -37.35
CA ASP B 37 16.32 1.91 -37.63
C ASP B 37 16.24 2.59 -36.27
N LEU B 38 17.39 2.67 -35.62
CA LEU B 38 17.45 2.95 -34.19
C LEU B 38 17.60 4.44 -33.93
N HIS B 39 16.64 5.01 -33.21
CA HIS B 39 16.69 6.41 -32.80
C HIS B 39 17.14 6.46 -31.35
N SER B 40 18.46 6.50 -31.14
CA SER B 40 19.05 6.36 -29.79
C SER B 40 19.30 7.72 -29.14
N TYR B 41 18.87 7.83 -27.89
CA TYR B 41 19.06 9.03 -27.11
C TYR B 41 19.76 8.67 -25.80
N ASP B 42 20.85 9.38 -25.51
CA ASP B 42 21.60 9.16 -24.29
C ASP B 42 21.00 10.02 -23.17
N LEU B 43 20.19 9.39 -22.31
CA LEU B 43 19.65 10.04 -21.12
C LEU B 43 20.51 9.75 -19.88
N GLY B 44 21.80 9.47 -20.09
CA GLY B 44 22.75 9.46 -19.00
C GLY B 44 22.78 10.82 -18.34
N ILE B 45 22.99 10.84 -17.02
CA ILE B 45 22.88 12.08 -16.25
C ILE B 45 23.85 13.18 -16.71
N GLU B 46 25.05 12.80 -17.13
CA GLU B 46 26.03 13.76 -17.60
C GLU B 46 25.60 14.41 -18.91
N ASN B 47 25.01 13.62 -19.80
CA ASN B 47 24.54 14.13 -21.09
C ASN B 47 23.29 14.99 -20.95
N ARG B 48 22.38 14.59 -20.05
CA ARG B 48 21.23 15.43 -19.73
C ARG B 48 21.66 16.79 -19.20
N ASP B 49 22.64 16.78 -18.29
CA ASP B 49 23.18 18.02 -17.74
C ASP B 49 23.87 18.87 -18.82
N ALA B 50 24.66 18.24 -19.68
CA ALA B 50 25.38 18.95 -20.74
C ALA B 50 24.43 19.57 -21.77
N THR B 51 23.31 18.91 -22.06
CA THR B 51 22.33 19.40 -23.03
C THR B 51 21.18 20.20 -22.38
N ASN B 52 21.29 20.49 -21.09
CA ASN B 52 20.22 21.15 -20.32
C ASN B 52 18.88 20.42 -20.46
N ASP B 53 18.95 19.10 -20.38
CA ASP B 53 17.78 18.21 -20.45
C ASP B 53 17.04 18.20 -21.78
N GLN B 54 17.65 18.79 -22.82
CA GLN B 54 17.04 18.82 -24.14
C GLN B 54 16.93 17.41 -24.76
N VAL B 55 17.93 16.57 -24.49
CA VAL B 55 17.92 15.19 -24.97
C VAL B 55 16.67 14.43 -24.50
N THR B 56 16.25 14.69 -23.26
CA THR B 56 15.06 14.07 -22.68
C THR B 56 13.79 14.47 -23.47
N LYS B 57 13.69 15.75 -23.80
CA LYS B 57 12.54 16.26 -24.56
C LYS B 57 12.52 15.73 -26.00
N ASP B 58 13.69 15.69 -26.63
CA ASP B 58 13.82 15.14 -27.97
C ASP B 58 13.46 13.65 -27.99
N ALA B 59 13.87 12.93 -26.96
CA ALA B 59 13.54 11.52 -26.83
C ALA B 59 12.02 11.31 -26.78
N ALA B 60 11.34 12.13 -25.97
CA ALA B 60 9.89 12.06 -25.86
C ALA B 60 9.19 12.31 -27.20
N GLU B 61 9.63 13.34 -27.92
CA GLU B 61 9.08 13.67 -29.23
C GLU B 61 9.34 12.56 -30.25
N ALA B 62 10.49 11.89 -30.15
CA ALA B 62 10.80 10.76 -31.02
C ALA B 62 9.85 9.58 -30.78
N ILE B 63 9.48 9.33 -29.52
CA ILE B 63 8.56 8.25 -29.18
C ILE B 63 7.17 8.53 -29.75
N LYS B 64 6.73 9.79 -29.63
CA LYS B 64 5.45 10.22 -30.21
C LYS B 64 5.41 10.01 -31.72
N LYS B 65 6.54 10.28 -32.37
CA LYS B 65 6.66 10.12 -33.83
C LYS B 65 6.68 8.65 -34.25
N HIS B 66 7.50 7.84 -33.59
CA HIS B 66 7.76 6.46 -34.02
C HIS B 66 7.00 5.37 -33.25
N ASN B 67 6.26 5.77 -32.21
CA ASN B 67 5.31 4.89 -31.50
C ASN B 67 5.90 3.86 -30.53
N VAL B 68 7.20 3.59 -30.60
CA VAL B 68 7.82 2.56 -29.76
C VAL B 68 9.07 3.08 -29.08
N GLY B 69 9.05 3.04 -27.75
CA GLY B 69 10.19 3.46 -26.93
C GLY B 69 10.61 2.37 -25.98
N VAL B 70 11.93 2.16 -25.86
CA VAL B 70 12.48 1.25 -24.86
C VAL B 70 13.55 2.03 -24.09
N LYS B 71 13.41 2.05 -22.77
CA LYS B 71 14.17 2.97 -21.94
C LYS B 71 14.91 2.28 -20.80
N CYS B 72 16.19 2.63 -20.68
CA CYS B 72 17.02 2.23 -19.56
C CYS B 72 16.72 3.10 -18.34
N ALA B 73 16.89 2.56 -17.14
CA ALA B 73 16.68 3.33 -15.92
C ALA B 73 17.68 4.48 -15.82
N THR B 74 17.22 5.61 -15.30
CA THR B 74 17.99 6.85 -15.25
C THR B 74 17.98 7.42 -13.84
N ILE B 75 19.02 8.19 -13.51
CA ILE B 75 19.09 8.87 -12.22
C ILE B 75 18.12 10.05 -12.19
N THR B 76 17.27 10.10 -11.17
CA THR B 76 16.46 11.28 -10.90
C THR B 76 17.21 12.13 -9.86
N PRO B 77 17.68 13.32 -10.27
CA PRO B 77 18.49 14.15 -9.36
C PRO B 77 17.81 14.52 -8.04
N ASP B 78 18.55 14.37 -6.95
CA ASP B 78 18.24 14.99 -5.66
C ASP B 78 19.46 15.82 -5.24
N GLU B 79 19.44 16.36 -4.03
CA GLU B 79 20.55 17.19 -3.54
C GLU B 79 21.90 16.48 -3.60
N LYS B 80 21.94 15.21 -3.22
CA LYS B 80 23.18 14.43 -3.23
C LYS B 80 23.74 14.23 -4.65
N ARG B 81 22.86 14.00 -5.62
CA ARG B 81 23.28 13.82 -7.02
C ARG B 81 23.84 15.12 -7.60
N VAL B 82 23.21 16.24 -7.26
CA VAL B 82 23.69 17.56 -7.69
C VAL B 82 25.15 17.76 -7.30
N GLU B 83 25.49 17.39 -6.05
CA GLU B 83 26.86 17.50 -5.57
C GLU B 83 27.78 16.43 -6.16
N GLU B 84 27.25 15.24 -6.39
CA GLU B 84 28.02 14.14 -6.99
C GLU B 84 28.49 14.45 -8.41
N PHE B 85 27.58 14.97 -9.23
CA PHE B 85 27.87 15.24 -10.64
C PHE B 85 28.08 16.72 -10.96
N LYS B 86 28.07 17.56 -9.93
CA LYS B 86 28.19 19.02 -10.10
C LYS B 86 27.16 19.53 -11.10
N LEU B 87 25.90 19.18 -10.88
CA LEU B 87 24.83 19.47 -11.82
C LEU B 87 24.47 20.97 -11.84
N LYS B 88 23.99 21.43 -13.00
CA LYS B 88 23.57 22.82 -13.17
C LYS B 88 22.27 23.09 -12.44
N GLN B 89 21.34 22.14 -12.57
CA GLN B 89 20.03 22.22 -11.93
C GLN B 89 19.64 20.85 -11.42
N MET B 90 18.63 20.82 -10.56
CA MET B 90 18.02 19.56 -10.12
C MET B 90 17.00 19.15 -11.18
N TRP B 91 17.49 18.57 -12.26
CA TRP B 91 16.67 18.22 -13.43
C TRP B 91 15.52 17.31 -13.02
N LYS B 92 14.38 17.47 -13.69
CA LYS B 92 13.20 16.66 -13.40
C LYS B 92 13.39 15.23 -13.85
N SER B 93 12.59 14.33 -13.25
CA SER B 93 12.54 12.94 -13.66
C SER B 93 12.31 12.86 -15.17
N PRO B 94 13.21 12.18 -15.90
CA PRO B 94 12.94 12.01 -17.33
C PRO B 94 11.67 11.22 -17.60
N ASN B 95 11.33 10.30 -16.70
CA ASN B 95 10.06 9.57 -16.77
C ASN B 95 8.88 10.52 -16.71
N GLY B 96 8.95 11.48 -15.79
CA GLY B 96 7.90 12.50 -15.64
C GLY B 96 7.77 13.39 -16.86
N THR B 97 8.91 13.81 -17.41
CA THR B 97 8.95 14.64 -18.61
C THR B 97 8.36 13.91 -19.82
N ILE B 98 8.70 12.63 -19.96
CA ILE B 98 8.19 11.82 -21.07
C ILE B 98 6.68 11.56 -20.95
N ARG B 99 6.22 11.22 -19.75
CA ARG B 99 4.79 10.96 -19.52
C ARG B 99 3.93 12.19 -19.76
N ASN B 100 4.43 13.37 -19.41
CA ASN B 100 3.69 14.62 -19.64
C ASN B 100 3.51 14.93 -21.13
N ILE B 101 4.49 14.56 -21.94
CA ILE B 101 4.42 14.76 -23.38
C ILE B 101 3.58 13.68 -24.08
N LEU B 102 3.71 12.43 -23.64
CA LEU B 102 3.01 11.32 -24.27
C LEU B 102 1.60 11.09 -23.73
N GLY B 103 1.41 11.31 -22.43
CA GLY B 103 0.20 10.88 -21.75
C GLY B 103 0.16 9.37 -21.64
N GLY B 104 -0.95 8.83 -21.17
CA GLY B 104 -1.15 7.38 -21.09
C GLY B 104 -1.16 6.85 -19.67
N THR B 105 -1.30 5.53 -19.57
CA THR B 105 -1.39 4.84 -18.28
C THR B 105 -0.29 3.79 -18.17
N VAL B 106 0.37 3.74 -17.01
CA VAL B 106 1.47 2.80 -16.78
C VAL B 106 0.92 1.47 -16.25
N PHE B 107 1.23 0.39 -16.96
CA PHE B 107 0.83 -0.95 -16.53
C PHE B 107 2.06 -1.77 -16.15
N ARG B 108 1.98 -2.45 -15.00
CA ARG B 108 3.08 -3.26 -14.49
C ARG B 108 2.78 -4.75 -14.65
N GLU B 109 3.63 -5.45 -15.40
CA GLU B 109 3.49 -6.89 -15.63
C GLU B 109 4.73 -7.63 -15.17
N ALA B 110 4.53 -8.71 -14.42
CA ALA B 110 5.63 -9.53 -13.94
C ALA B 110 6.10 -10.52 -15.00
N ILE B 111 7.29 -11.07 -14.78
CA ILE B 111 7.81 -12.13 -15.61
C ILE B 111 7.65 -13.41 -14.81
N ILE B 112 6.77 -14.30 -15.28
CA ILE B 112 6.35 -15.47 -14.49
C ILE B 112 7.32 -16.64 -14.68
N CYS B 113 7.96 -17.04 -13.58
CA CYS B 113 8.82 -18.23 -13.54
C CYS B 113 8.31 -19.19 -12.46
N LYS B 114 8.15 -20.45 -12.84
CA LYS B 114 7.48 -21.44 -11.98
C LYS B 114 8.23 -21.81 -10.70
N ASN B 115 9.55 -21.63 -10.70
CA ASN B 115 10.37 -21.92 -9.52
C ASN B 115 10.61 -20.71 -8.60
N ILE B 116 9.94 -19.59 -8.86
CA ILE B 116 10.05 -18.40 -8.02
C ILE B 116 8.79 -18.25 -7.17
N PRO B 117 8.95 -18.18 -5.83
CA PRO B 117 7.75 -18.10 -5.00
C PRO B 117 7.00 -16.78 -5.15
N ARG B 118 5.69 -16.84 -4.94
CA ARG B 118 4.82 -15.68 -5.08
C ARG B 118 3.82 -15.62 -3.93
N LEU B 119 3.04 -14.54 -3.86
CA LEU B 119 2.10 -14.32 -2.76
C LEU B 119 1.07 -15.43 -2.65
N VAL B 120 0.55 -15.86 -3.79
CA VAL B 120 -0.42 -16.95 -3.86
C VAL B 120 0.06 -18.01 -4.85
N SER B 121 0.36 -19.21 -4.35
CA SER B 121 0.90 -20.30 -5.18
C SER B 121 -0.01 -20.66 -6.37
N GLY B 122 -1.31 -20.40 -6.23
CA GLY B 122 -2.27 -20.60 -7.32
C GLY B 122 -2.11 -19.67 -8.51
N TRP B 123 -1.44 -18.53 -8.32
CA TRP B 123 -1.16 -17.60 -9.41
C TRP B 123 -0.21 -18.21 -10.45
N VAL B 124 -0.74 -18.50 -11.63
CA VAL B 124 0.04 -18.99 -12.76
C VAL B 124 0.13 -17.96 -13.89
N LYS B 125 -0.80 -17.00 -13.90
CA LYS B 125 -0.88 -15.99 -14.95
C LYS B 125 -0.67 -14.60 -14.34
N PRO B 126 -0.25 -13.62 -15.17
CA PRO B 126 0.07 -12.30 -14.64
C PRO B 126 -1.17 -11.48 -14.23
N ILE B 127 -1.02 -10.72 -13.15
CA ILE B 127 -2.00 -9.73 -12.75
C ILE B 127 -1.40 -8.36 -13.07
N ILE B 128 -1.91 -7.75 -14.14
CA ILE B 128 -1.33 -6.53 -14.69
C ILE B 128 -2.09 -5.31 -14.17
N ILE B 129 -1.44 -4.56 -13.28
CA ILE B 129 -2.08 -3.45 -12.60
C ILE B 129 -1.69 -2.12 -13.24
N GLY B 130 -2.69 -1.27 -13.47
CA GLY B 130 -2.47 0.08 -13.98
C GLY B 130 -3.20 1.10 -13.12
N HIS B 131 -2.47 2.10 -12.63
CA HIS B 131 -3.04 3.14 -11.78
C HIS B 131 -3.40 4.36 -12.60
N HIS B 132 -4.41 5.11 -12.14
CA HIS B 132 -4.77 6.36 -12.78
C HIS B 132 -3.71 7.43 -12.50
N ALA B 133 -3.13 7.96 -13.57
CA ALA B 133 -2.04 8.95 -13.47
C ALA B 133 -2.59 10.38 -13.39
N TYR B 134 -2.03 11.17 -12.48
CA TYR B 134 -2.43 12.57 -12.31
C TYR B 134 -1.66 13.46 -13.28
N ARG B 139 -2.67 20.07 -11.66
CA ARG B 139 -2.45 19.90 -10.23
C ARG B 139 -3.63 20.42 -9.41
N ALA B 140 -3.57 20.20 -8.09
CA ALA B 140 -4.62 20.63 -7.18
C ALA B 140 -4.37 22.05 -6.68
N THR B 141 -5.41 22.68 -6.17
CA THR B 141 -5.30 24.01 -5.59
C THR B 141 -5.42 23.90 -4.08
N ASP B 142 -4.29 23.93 -3.39
CA ASP B 142 -4.25 23.88 -1.94
C ASP B 142 -3.79 25.20 -1.36
N PHE B 143 -4.25 25.51 -0.15
CA PHE B 143 -3.93 26.78 0.48
C PHE B 143 -4.04 26.73 2.00
N VAL B 144 -3.43 27.70 2.65
CA VAL B 144 -3.48 27.84 4.10
C VAL B 144 -4.76 28.58 4.47
N VAL B 145 -5.43 28.09 5.51
CA VAL B 145 -6.60 28.74 6.08
C VAL B 145 -6.10 29.47 7.33
N PRO B 146 -5.86 30.79 7.22
CA PRO B 146 -5.19 31.55 8.29
C PRO B 146 -5.87 31.49 9.65
N GLY B 147 -7.21 31.51 9.67
CA GLY B 147 -7.97 31.50 10.90
C GLY B 147 -9.36 30.92 10.71
N PRO B 148 -10.26 31.12 11.68
CA PRO B 148 -11.63 30.60 11.60
C PRO B 148 -12.43 31.17 10.42
N GLY B 149 -13.48 30.46 10.02
CA GLY B 149 -14.34 30.86 8.91
C GLY B 149 -14.76 29.67 8.04
N LYS B 150 -15.70 29.91 7.15
CA LYS B 150 -16.20 28.86 6.26
C LYS B 150 -15.30 28.66 5.04
N VAL B 151 -14.97 27.40 4.76
CA VAL B 151 -14.39 27.03 3.49
C VAL B 151 -15.49 26.33 2.68
N GLU B 152 -15.80 26.88 1.52
CA GLU B 152 -16.89 26.38 0.69
C GLU B 152 -16.37 26.12 -0.71
N ILE B 153 -16.97 25.14 -1.39
CA ILE B 153 -16.63 24.81 -2.77
C ILE B 153 -17.90 24.90 -3.62
N THR B 154 -17.84 25.70 -4.69
CA THR B 154 -19.02 26.05 -5.46
C THR B 154 -18.86 25.72 -6.94
N TYR B 155 -19.95 25.24 -7.56
CA TYR B 155 -20.00 25.00 -9.00
C TYR B 155 -21.03 25.92 -9.64
N THR B 156 -20.63 26.59 -10.71
CA THR B 156 -21.49 27.48 -11.47
C THR B 156 -21.39 27.12 -12.94
N PRO B 157 -22.43 26.46 -13.51
CA PRO B 157 -22.41 26.16 -14.94
C PRO B 157 -22.31 27.40 -15.80
N SER B 158 -21.70 27.27 -16.98
CA SER B 158 -21.51 28.39 -17.89
C SER B 158 -22.84 28.98 -18.38
N ASP B 159 -23.88 28.17 -18.48
CA ASP B 159 -25.20 28.64 -18.88
C ASP B 159 -25.90 29.52 -17.83
N GLY B 160 -25.40 29.48 -16.59
CA GLY B 160 -25.88 30.35 -15.52
C GLY B 160 -27.21 29.95 -14.92
N THR B 161 -27.64 28.70 -15.17
CA THR B 161 -28.94 28.22 -14.69
C THR B 161 -28.94 27.81 -13.22
N GLN B 162 -27.77 27.65 -12.62
CA GLN B 162 -27.70 27.29 -11.20
C GLN B 162 -26.38 27.65 -10.51
N LYS B 163 -26.39 27.51 -9.19
CA LYS B 163 -25.21 27.69 -8.34
C LYS B 163 -25.31 26.73 -7.17
N VAL B 164 -24.41 25.76 -7.11
CA VAL B 164 -24.37 24.80 -6.02
C VAL B 164 -23.16 25.08 -5.14
N THR B 165 -23.39 25.24 -3.83
CA THR B 165 -22.34 25.49 -2.86
C THR B 165 -22.33 24.40 -1.80
N TYR B 166 -21.17 23.78 -1.59
CA TYR B 166 -20.99 22.76 -0.57
C TYR B 166 -20.05 23.27 0.53
N LEU B 167 -20.39 23.01 1.78
CA LEU B 167 -19.52 23.34 2.90
C LEU B 167 -18.43 22.28 3.01
N VAL B 168 -17.18 22.70 2.86
CA VAL B 168 -16.06 21.80 3.09
C VAL B 168 -15.88 21.66 4.60
N HIS B 169 -15.75 22.79 5.28
CA HIS B 169 -15.64 22.80 6.73
C HIS B 169 -15.79 24.22 7.27
N ASN B 170 -16.48 24.35 8.40
CA ASN B 170 -16.52 25.59 9.13
C ASN B 170 -15.43 25.55 10.20
N PHE B 171 -14.34 26.26 9.94
CA PHE B 171 -13.24 26.35 10.91
C PHE B 171 -13.69 27.23 12.06
N GLU B 172 -13.79 26.65 13.25
CA GLU B 172 -14.24 27.37 14.44
C GLU B 172 -13.15 27.52 15.49
N GLU B 173 -12.34 26.49 15.67
CA GLU B 173 -11.26 26.51 16.67
C GLU B 173 -10.09 27.40 16.24
N GLY B 174 -9.64 27.23 15.01
CA GLY B 174 -8.52 28.00 14.49
C GLY B 174 -8.30 27.81 13.00
N GLY B 175 -7.03 27.82 12.59
CA GLY B 175 -6.68 27.71 11.18
C GLY B 175 -6.42 26.28 10.73
N GLY B 176 -5.75 26.15 9.59
CA GLY B 176 -5.48 24.85 9.01
C GLY B 176 -5.19 24.95 7.53
N VAL B 177 -5.60 23.92 6.79
CA VAL B 177 -5.41 23.89 5.34
C VAL B 177 -6.67 23.40 4.64
N ALA B 178 -6.76 23.73 3.35
CA ALA B 178 -7.85 23.27 2.52
C ALA B 178 -7.35 23.11 1.09
N MET B 179 -8.07 22.34 0.29
CA MET B 179 -7.71 22.18 -1.11
C MET B 179 -8.88 21.75 -1.97
N GLY B 180 -8.80 22.14 -3.24
CA GLY B 180 -9.75 21.71 -4.26
C GLY B 180 -9.05 20.83 -5.27
N MET B 181 -9.70 19.74 -5.66
CA MET B 181 -9.17 18.82 -6.65
C MET B 181 -10.23 18.54 -7.72
N TYR B 182 -9.79 18.22 -8.92
CA TYR B 182 -10.69 17.95 -10.04
C TYR B 182 -10.14 16.91 -11.00
N ASN B 183 -11.04 16.39 -11.85
CA ASN B 183 -10.66 15.55 -12.97
C ASN B 183 -11.60 15.76 -14.15
N GLN B 184 -11.01 16.01 -15.31
CA GLN B 184 -11.77 16.12 -16.56
C GLN B 184 -12.17 14.74 -17.05
N ASP B 185 -13.32 14.66 -17.70
CA ASP B 185 -13.79 13.41 -18.30
C ASP B 185 -12.77 12.81 -19.25
N LYS B 186 -12.07 13.67 -20.00
CA LYS B 186 -11.04 13.24 -20.96
C LYS B 186 -10.01 12.34 -20.30
N SER B 187 -9.48 12.79 -19.16
CA SER B 187 -8.49 12.03 -18.38
C SER B 187 -9.02 10.65 -17.98
N ILE B 188 -10.28 10.59 -17.58
CA ILE B 188 -10.93 9.32 -17.22
C ILE B 188 -11.13 8.48 -18.47
N GLU B 189 -11.55 9.12 -19.57
CA GLU B 189 -11.73 8.45 -20.85
C GLU B 189 -10.42 7.84 -21.36
N ASP B 190 -9.33 8.59 -21.28
CA ASP B 190 -8.00 8.09 -21.68
C ASP B 190 -7.57 6.89 -20.84
N PHE B 191 -7.82 6.96 -19.54
CA PHE B 191 -7.54 5.85 -18.61
C PHE B 191 -8.34 4.60 -18.98
N ALA B 192 -9.58 4.79 -19.44
CA ALA B 192 -10.42 3.68 -19.90
C ALA B 192 -9.88 3.06 -21.19
N HIS B 193 -9.66 3.88 -22.20
CA HIS B 193 -9.17 3.41 -23.51
C HIS B 193 -7.85 2.64 -23.38
N SER B 194 -6.92 3.18 -22.61
CA SER B 194 -5.65 2.48 -22.35
C SER B 194 -5.89 1.11 -21.72
N SER B 195 -6.81 1.05 -20.76
CA SER B 195 -7.10 -0.18 -20.05
C SER B 195 -7.76 -1.23 -20.94
N PHE B 196 -8.74 -0.82 -21.75
CA PHE B 196 -9.38 -1.75 -22.69
C PHE B 196 -8.41 -2.22 -23.77
N GLN B 197 -7.60 -1.30 -24.28
CA GLN B 197 -6.61 -1.63 -25.31
C GLN B 197 -5.51 -2.54 -24.77
N MET B 198 -5.13 -2.34 -23.51
CA MET B 198 -4.18 -3.22 -22.84
C MET B 198 -4.76 -4.62 -22.70
N ALA B 199 -6.03 -4.71 -22.32
CA ALA B 199 -6.73 -5.98 -22.21
C ALA B 199 -6.83 -6.71 -23.54
N LEU B 200 -7.07 -5.97 -24.63
CA LEU B 200 -7.14 -6.56 -25.98
C LEU B 200 -5.78 -6.99 -26.50
N SER B 201 -4.74 -6.22 -26.19
CA SER B 201 -3.37 -6.54 -26.62
C SER B 201 -2.91 -7.85 -25.98
N LYS B 202 -3.19 -8.01 -24.69
CA LYS B 202 -2.99 -9.28 -24.01
C LYS B 202 -4.24 -10.11 -24.22
N GLY B 203 -4.32 -11.29 -23.62
CA GLY B 203 -5.50 -12.14 -23.76
C GLY B 203 -6.31 -12.24 -22.49
N TRP B 204 -6.49 -11.10 -21.81
CA TRP B 204 -7.06 -11.10 -20.45
C TRP B 204 -8.29 -10.20 -20.29
N PRO B 205 -9.20 -10.56 -19.36
CA PRO B 205 -10.29 -9.67 -18.95
C PRO B 205 -9.79 -8.47 -18.15
N LEU B 206 -10.62 -7.42 -18.11
CA LEU B 206 -10.29 -6.17 -17.41
C LEU B 206 -11.23 -5.94 -16.23
N TYR B 207 -10.67 -5.44 -15.12
CA TYR B 207 -11.45 -5.06 -13.95
C TYR B 207 -11.06 -3.66 -13.50
N LEU B 208 -12.05 -2.80 -13.31
CA LEU B 208 -11.84 -1.51 -12.65
C LEU B 208 -12.21 -1.65 -11.18
N SER B 209 -11.39 -1.06 -10.31
CA SER B 209 -11.64 -1.04 -8.87
C SER B 209 -11.70 0.39 -8.34
N THR B 210 -12.65 0.66 -7.45
CA THR B 210 -12.83 1.98 -6.85
C THR B 210 -13.24 1.91 -5.39
N LYS B 211 -13.17 3.05 -4.72
CA LYS B 211 -13.75 3.24 -3.39
C LYS B 211 -15.10 3.94 -3.55
N ASN B 212 -16.04 3.23 -4.18
CA ASN B 212 -17.37 3.77 -4.51
C ASN B 212 -18.28 3.89 -3.29
N THR B 213 -17.93 3.19 -2.22
CA THR B 213 -18.67 3.28 -0.96
C THR B 213 -18.46 4.64 -0.27
N ILE B 214 -17.20 5.11 -0.24
CA ILE B 214 -16.85 6.33 0.49
C ILE B 214 -17.12 7.57 -0.38
N LEU B 215 -16.38 7.72 -1.47
CA LEU B 215 -16.58 8.83 -2.41
C LEU B 215 -17.46 8.34 -3.56
N LYS B 216 -18.76 8.30 -3.31
CA LYS B 216 -19.74 7.76 -4.25
C LYS B 216 -19.75 8.48 -5.60
N LYS B 217 -19.51 9.80 -5.58
CA LYS B 217 -19.64 10.62 -6.79
C LYS B 217 -18.33 10.71 -7.57
N TYR B 218 -17.20 10.86 -6.88
CA TYR B 218 -15.91 11.00 -7.54
C TYR B 218 -15.53 9.72 -8.28
N ASP B 219 -15.59 8.60 -7.56
CA ASP B 219 -15.33 7.29 -8.15
C ASP B 219 -16.48 6.80 -9.02
N GLY B 220 -17.69 7.27 -8.76
CA GLY B 220 -18.87 6.89 -9.53
C GLY B 220 -18.76 7.20 -11.01
N ARG B 221 -18.14 8.33 -11.35
CA ARG B 221 -17.97 8.72 -12.74
C ARG B 221 -16.90 7.89 -13.46
N PHE B 222 -15.94 7.35 -12.71
CA PHE B 222 -14.99 6.39 -13.29
C PHE B 222 -15.74 5.12 -13.70
N LYS B 223 -16.56 4.60 -12.80
CA LYS B 223 -17.38 3.42 -13.07
C LYS B 223 -18.29 3.63 -14.28
N ASP B 224 -18.96 4.77 -14.33
CA ASP B 224 -19.90 5.06 -15.42
C ASP B 224 -19.20 5.21 -16.77
N ILE B 225 -18.10 5.96 -16.80
CA ILE B 225 -17.39 6.22 -18.05
C ILE B 225 -16.76 4.95 -18.63
N PHE B 226 -16.18 4.12 -17.78
CA PHE B 226 -15.64 2.82 -18.23
C PHE B 226 -16.74 1.97 -18.87
N GLN B 227 -17.87 1.85 -18.19
CA GLN B 227 -18.99 1.04 -18.68
C GLN B 227 -19.55 1.56 -20.01
N GLU B 228 -19.70 2.88 -20.11
CA GLU B 228 -20.20 3.51 -21.33
C GLU B 228 -19.27 3.25 -22.51
N ILE B 229 -17.98 3.47 -22.32
CA ILE B 229 -16.98 3.26 -23.38
C ILE B 229 -16.91 1.79 -23.77
N TYR B 230 -17.02 0.90 -22.79
CA TYR B 230 -17.03 -0.54 -23.03
C TYR B 230 -18.17 -0.95 -23.96
N ASP B 231 -19.38 -0.50 -23.64
CA ASP B 231 -20.58 -0.87 -24.40
C ASP B 231 -20.61 -0.27 -25.80
N LYS B 232 -20.16 0.97 -25.94
CA LYS B 232 -20.20 1.68 -27.22
C LYS B 232 -19.08 1.26 -28.18
N GLN B 233 -17.90 0.94 -27.64
CA GLN B 233 -16.70 0.76 -28.48
C GLN B 233 -15.95 -0.57 -28.39
N TYR B 234 -16.03 -1.28 -27.26
CA TYR B 234 -15.16 -2.45 -27.03
C TYR B 234 -15.83 -3.80 -26.82
N LYS B 235 -17.11 -3.82 -26.42
CA LYS B 235 -17.75 -5.08 -26.00
C LYS B 235 -17.62 -6.23 -27.01
N SER B 236 -17.87 -5.93 -28.29
CA SER B 236 -17.85 -6.97 -29.33
C SER B 236 -16.44 -7.54 -29.56
N GLN B 237 -15.42 -6.68 -29.43
CA GLN B 237 -14.03 -7.12 -29.55
C GLN B 237 -13.64 -8.02 -28.38
N PHE B 238 -14.12 -7.67 -27.18
CA PHE B 238 -13.90 -8.49 -25.97
C PHE B 238 -14.58 -9.85 -26.09
N GLU B 239 -15.85 -9.84 -26.50
CA GLU B 239 -16.59 -11.09 -26.72
C GLU B 239 -15.95 -11.95 -27.81
N ALA B 240 -15.39 -11.31 -28.83
CA ALA B 240 -14.69 -12.00 -29.91
C ALA B 240 -13.43 -12.72 -29.43
N GLN B 241 -12.80 -12.21 -28.37
CA GLN B 241 -11.62 -12.84 -27.78
C GLN B 241 -11.92 -13.58 -26.48
N LYS B 242 -13.19 -13.85 -26.21
CA LYS B 242 -13.62 -14.63 -25.04
C LYS B 242 -13.20 -13.99 -23.70
N ILE B 243 -13.22 -12.65 -23.66
CA ILE B 243 -12.88 -11.89 -22.45
C ILE B 243 -13.98 -10.88 -22.14
N TRP B 244 -13.91 -10.26 -20.97
CA TRP B 244 -14.97 -9.38 -20.49
C TRP B 244 -14.44 -8.20 -19.67
N TYR B 245 -15.35 -7.30 -19.31
CA TYR B 245 -15.06 -6.21 -18.39
C TYR B 245 -16.09 -6.19 -17.26
N GLU B 246 -15.64 -5.94 -16.03
CA GLU B 246 -16.53 -5.79 -14.89
C GLU B 246 -15.95 -4.81 -13.86
N HIS B 247 -16.83 -4.19 -13.08
CA HIS B 247 -16.43 -3.29 -12.00
C HIS B 247 -16.43 -4.04 -10.67
N ARG B 248 -15.55 -3.63 -9.76
CA ARG B 248 -15.48 -4.19 -8.41
C ARG B 248 -15.13 -3.12 -7.39
N LEU B 249 -15.46 -3.37 -6.14
CA LEU B 249 -14.98 -2.56 -5.02
C LEU B 249 -13.62 -3.09 -4.59
N ILE B 250 -12.78 -2.22 -4.05
CA ILE B 250 -11.39 -2.57 -3.72
C ILE B 250 -11.30 -3.80 -2.81
N ASP B 251 -12.11 -3.82 -1.76
CA ASP B 251 -12.10 -4.91 -0.78
C ASP B 251 -12.58 -6.24 -1.38
N ASP B 252 -13.48 -6.17 -2.36
CA ASP B 252 -13.95 -7.36 -3.08
C ASP B 252 -12.94 -7.80 -4.14
N MET B 253 -12.28 -6.84 -4.78
CA MET B 253 -11.32 -7.13 -5.85
C MET B 253 -10.11 -7.91 -5.34
N VAL B 254 -9.56 -7.48 -4.20
CA VAL B 254 -8.42 -8.18 -3.58
C VAL B 254 -8.79 -9.61 -3.21
N ALA B 255 -9.99 -9.80 -2.64
CA ALA B 255 -10.45 -11.12 -2.23
C ALA B 255 -10.54 -12.07 -3.43
N GLN B 256 -11.14 -11.59 -4.52
CA GLN B 256 -11.21 -12.36 -5.76
C GLN B 256 -9.81 -12.62 -6.33
N ALA B 257 -8.95 -11.60 -6.26
CA ALA B 257 -7.57 -11.71 -6.75
C ALA B 257 -6.76 -12.74 -5.96
N MET B 258 -6.92 -12.73 -4.63
CA MET B 258 -6.17 -13.64 -3.76
C MET B 258 -6.60 -15.11 -3.89
N LYS B 259 -7.81 -15.35 -4.38
CA LYS B 259 -8.29 -16.72 -4.61
C LYS B 259 -8.25 -17.14 -6.08
N SER B 260 -7.90 -16.21 -6.97
CA SER B 260 -7.85 -16.48 -8.42
C SER B 260 -6.52 -17.09 -8.83
N GLU B 261 -6.41 -17.44 -10.11
CA GLU B 261 -5.17 -17.93 -10.69
C GLU B 261 -4.42 -16.82 -11.46
N GLY B 262 -4.85 -15.57 -11.28
CA GLY B 262 -4.32 -14.45 -12.04
C GLY B 262 -4.84 -14.44 -13.47
N GLY B 263 -4.17 -13.67 -14.32
CA GLY B 263 -4.55 -13.58 -15.74
C GLY B 263 -5.66 -12.59 -16.00
N PHE B 264 -5.46 -11.34 -15.57
CA PHE B 264 -6.41 -10.27 -15.84
C PHE B 264 -5.75 -8.90 -15.71
N ILE B 265 -6.33 -7.92 -16.39
CA ILE B 265 -5.91 -6.53 -16.25
C ILE B 265 -6.68 -5.90 -15.10
N TRP B 266 -6.02 -5.03 -14.35
CA TRP B 266 -6.59 -4.42 -13.16
C TRP B 266 -6.37 -2.91 -13.21
N ALA B 267 -7.44 -2.18 -13.56
CA ALA B 267 -7.42 -0.72 -13.54
C ALA B 267 -7.78 -0.25 -12.13
N CYS B 268 -6.96 0.61 -11.56
CA CYS B 268 -7.07 0.99 -10.16
C CYS B 268 -7.04 2.52 -10.01
N LYS B 269 -8.00 3.06 -9.27
CA LYS B 269 -8.02 4.48 -8.93
C LYS B 269 -7.77 4.65 -7.43
N ASN B 270 -6.60 5.18 -7.08
CA ASN B 270 -6.21 5.38 -5.68
C ASN B 270 -7.03 6.48 -5.01
N ASP B 278 2.44 -2.38 -5.12
CA ASP B 278 3.62 -1.71 -5.66
C ASP B 278 4.87 -2.16 -4.91
N SER B 279 4.90 -1.91 -3.60
CA SER B 279 6.03 -2.32 -2.75
C SER B 279 5.91 -3.81 -2.38
N VAL B 280 4.68 -4.30 -2.27
CA VAL B 280 4.44 -5.72 -2.02
C VAL B 280 4.86 -6.62 -3.21
N ALA B 281 4.96 -6.02 -4.40
CA ALA B 281 5.43 -6.74 -5.59
C ALA B 281 6.91 -7.15 -5.52
N GLN B 282 7.68 -6.47 -4.67
CA GLN B 282 9.12 -6.77 -4.51
C GLN B 282 9.38 -8.19 -3.99
N GLY B 283 8.44 -8.72 -3.22
CA GLY B 283 8.54 -10.08 -2.69
C GLY B 283 8.72 -11.15 -3.76
N TYR B 284 8.10 -10.94 -4.93
CA TYR B 284 8.25 -11.86 -6.06
C TYR B 284 9.61 -11.70 -6.71
N GLY B 285 10.58 -12.48 -6.23
CA GLY B 285 11.97 -12.36 -6.68
C GLY B 285 12.53 -10.99 -6.32
N SER B 286 12.39 -10.05 -7.25
CA SER B 286 12.80 -8.67 -7.03
C SER B 286 12.08 -7.77 -8.02
N LEU B 287 12.39 -6.48 -7.98
CA LEU B 287 11.88 -5.55 -8.98
C LEU B 287 12.45 -5.85 -10.37
N GLY B 288 13.53 -6.64 -10.41
CA GLY B 288 14.08 -7.15 -11.66
C GLY B 288 13.17 -8.11 -12.42
N MET B 289 12.04 -8.49 -11.81
CA MET B 289 11.08 -9.39 -12.44
C MET B 289 9.78 -8.69 -12.83
N MET B 290 9.84 -7.39 -13.07
CA MET B 290 8.66 -6.63 -13.48
C MET B 290 9.01 -5.48 -14.43
N THR B 291 8.20 -5.31 -15.46
CA THR B 291 8.31 -4.19 -16.38
C THR B 291 7.22 -3.15 -16.10
N SER B 292 7.44 -1.94 -16.61
CA SER B 292 6.46 -0.87 -16.58
C SER B 292 6.28 -0.35 -17.98
N VAL B 293 5.07 -0.47 -18.52
CA VAL B 293 4.79 -0.05 -19.89
C VAL B 293 3.75 1.06 -19.89
N LEU B 294 4.15 2.24 -20.37
CA LEU B 294 3.24 3.36 -20.58
C LEU B 294 2.44 3.08 -21.83
N VAL B 295 1.12 2.96 -21.69
CA VAL B 295 0.25 2.67 -22.81
C VAL B 295 -0.59 3.90 -23.10
N CYS B 296 -0.36 4.51 -24.26
CA CYS B 296 -1.10 5.70 -24.65
C CYS B 296 -2.49 5.29 -25.15
N PRO B 297 -3.50 6.15 -24.97
CA PRO B 297 -4.88 5.82 -25.32
C PRO B 297 -5.16 5.65 -26.82
N ASP B 298 -4.24 6.12 -27.67
CA ASP B 298 -4.38 5.94 -29.13
C ASP B 298 -4.21 4.49 -29.58
N GLY B 299 -3.65 3.65 -28.71
CA GLY B 299 -3.44 2.23 -29.01
C GLY B 299 -2.15 1.94 -29.77
N LYS B 300 -1.52 2.98 -30.31
CA LYS B 300 -0.33 2.85 -31.14
C LYS B 300 0.97 3.02 -30.35
N THR B 301 1.00 4.03 -29.47
CA THR B 301 2.24 4.44 -28.84
C THR B 301 2.44 3.79 -27.47
N VAL B 302 3.60 3.14 -27.28
CA VAL B 302 3.97 2.56 -25.99
C VAL B 302 5.42 2.87 -25.64
N GLU B 303 5.68 2.98 -24.34
CA GLU B 303 7.06 3.11 -23.83
C GLU B 303 7.28 2.06 -22.76
N ALA B 304 8.30 1.23 -22.96
CA ALA B 304 8.56 0.11 -22.06
C ALA B 304 9.90 0.28 -21.33
N GLU B 305 9.90 -0.06 -20.04
CA GLU B 305 11.12 -0.03 -19.25
C GLU B 305 11.01 -1.03 -18.08
N ALA B 306 12.11 -1.20 -17.37
CA ALA B 306 12.11 -2.01 -16.16
C ALA B 306 11.40 -1.25 -15.04
N ALA B 307 10.75 -1.98 -14.14
CA ALA B 307 10.05 -1.36 -13.02
C ALA B 307 10.96 -1.14 -11.81
N HIS B 308 12.26 -0.97 -12.05
CA HIS B 308 13.23 -0.68 -11.00
C HIS B 308 14.13 0.48 -11.43
N GLY B 309 14.98 0.93 -10.52
CA GLY B 309 15.91 2.01 -10.80
C GLY B 309 17.24 1.53 -11.36
N THR B 310 18.27 2.36 -11.20
CA THR B 310 19.59 2.09 -11.77
C THR B 310 20.42 1.10 -10.95
N VAL B 311 19.88 0.66 -9.82
CA VAL B 311 20.55 -0.32 -8.94
C VAL B 311 21.92 0.22 -8.51
N THR B 312 21.88 1.40 -7.88
CA THR B 312 23.10 2.11 -7.47
C THR B 312 24.02 1.30 -6.56
N ARG B 313 23.45 0.60 -5.57
CA ARG B 313 24.25 -0.18 -4.63
C ARG B 313 25.11 -1.22 -5.35
N HIS B 314 24.55 -1.84 -6.39
CA HIS B 314 25.29 -2.80 -7.21
C HIS B 314 26.36 -2.12 -8.04
N TYR B 315 26.04 -0.92 -8.54
CA TYR B 315 27.00 -0.14 -9.33
C TYR B 315 28.23 0.22 -8.52
N ARG B 316 28.03 0.61 -7.26
CA ARG B 316 29.15 0.93 -6.35
C ARG B 316 30.07 -0.28 -6.18
N MET B 317 29.47 -1.46 -6.03
CA MET B 317 30.24 -2.69 -5.90
C MET B 317 31.05 -2.95 -7.17
N TYR B 318 30.40 -2.71 -8.32
CA TYR B 318 31.06 -2.86 -9.62
C TYR B 318 32.23 -1.90 -9.80
N GLN B 319 32.10 -0.68 -9.30
CA GLN B 319 33.17 0.33 -9.37
C GLN B 319 34.39 -0.05 -8.53
N LYS B 320 34.18 -0.81 -7.45
CA LYS B 320 35.28 -1.30 -6.61
C LYS B 320 35.86 -2.62 -7.10
N GLY B 321 35.39 -3.11 -8.25
CA GLY B 321 35.86 -4.39 -8.79
C GLY B 321 35.24 -5.60 -8.12
N GLN B 322 34.17 -5.39 -7.35
CA GLN B 322 33.51 -6.48 -6.66
C GLN B 322 32.52 -7.17 -7.57
N GLU B 323 32.29 -8.46 -7.30
CA GLU B 323 31.37 -9.28 -8.09
C GLU B 323 29.95 -8.80 -7.87
N THR B 324 29.16 -8.74 -8.95
CA THR B 324 27.76 -8.32 -8.85
C THR B 324 26.83 -9.36 -9.46
N SER B 325 25.60 -9.39 -8.96
CA SER B 325 24.57 -10.24 -9.51
C SER B 325 23.29 -9.43 -9.62
N THR B 326 23.16 -8.73 -10.74
CA THR B 326 22.00 -7.89 -11.01
C THR B 326 21.10 -8.59 -12.03
N ASN B 327 19.81 -8.63 -11.73
CA ASN B 327 18.84 -9.30 -12.59
C ASN B 327 18.54 -8.43 -13.82
N PRO B 328 18.82 -8.96 -15.04
CA PRO B 328 18.55 -8.21 -16.26
C PRO B 328 17.16 -8.48 -16.86
N ILE B 329 16.38 -9.35 -16.23
CA ILE B 329 15.11 -9.81 -16.80
C ILE B 329 14.18 -8.65 -17.15
N ALA B 330 13.97 -7.74 -16.20
CA ALA B 330 13.08 -6.61 -16.43
C ALA B 330 13.56 -5.76 -17.62
N SER B 331 14.85 -5.48 -17.67
CA SER B 331 15.44 -4.75 -18.80
C SER B 331 15.27 -5.50 -20.12
N ILE B 332 15.47 -6.81 -20.09
CA ILE B 332 15.27 -7.64 -21.28
C ILE B 332 13.83 -7.57 -21.75
N PHE B 333 12.89 -7.70 -20.81
CA PHE B 333 11.47 -7.70 -21.18
C PHE B 333 10.96 -6.32 -21.58
N ALA B 334 11.69 -5.26 -21.24
CA ALA B 334 11.42 -3.94 -21.81
C ALA B 334 11.66 -3.98 -23.32
N TRP B 335 12.77 -4.60 -23.72
CA TRP B 335 13.08 -4.79 -25.13
C TRP B 335 12.07 -5.69 -25.83
N THR B 336 11.78 -6.86 -25.25
CA THR B 336 10.91 -7.82 -25.91
C THR B 336 9.48 -7.33 -26.05
N ARG B 337 8.94 -6.75 -24.98
CA ARG B 337 7.58 -6.20 -25.02
C ARG B 337 7.51 -4.96 -25.90
N GLY B 338 8.61 -4.22 -25.99
CA GLY B 338 8.73 -3.12 -26.93
C GLY B 338 8.76 -3.59 -28.37
N LEU B 339 9.56 -4.63 -28.65
CA LEU B 339 9.69 -5.16 -30.01
C LEU B 339 8.45 -5.96 -30.43
N ALA B 340 7.79 -6.60 -29.46
CA ALA B 340 6.51 -7.27 -29.73
C ALA B 340 5.47 -6.27 -30.21
N HIS B 341 5.44 -5.09 -29.57
CA HIS B 341 4.53 -4.03 -30.00
C HIS B 341 4.90 -3.49 -31.39
N ARG B 342 6.19 -3.28 -31.63
CA ARG B 342 6.69 -2.87 -32.95
C ARG B 342 6.22 -3.86 -34.02
N ALA B 343 6.36 -5.14 -33.73
CA ALA B 343 5.94 -6.20 -34.65
C ALA B 343 4.45 -6.16 -34.93
N LYS B 344 3.65 -5.94 -33.88
CA LYS B 344 2.19 -5.84 -34.01
C LYS B 344 1.78 -4.69 -34.93
N LEU B 345 2.44 -3.54 -34.80
CA LEU B 345 2.14 -2.37 -35.63
C LEU B 345 2.51 -2.58 -37.09
N ASP B 346 3.60 -3.30 -37.34
CA ASP B 346 4.14 -3.45 -38.69
C ASP B 346 3.75 -4.79 -39.35
N ASN B 347 2.98 -5.62 -38.64
CA ASN B 347 2.64 -6.96 -39.10
C ASN B 347 3.91 -7.76 -39.44
N ASN B 348 4.86 -7.72 -38.52
CA ASN B 348 6.18 -8.32 -38.72
C ASN B 348 6.27 -9.64 -37.95
N LYS B 349 5.96 -10.74 -38.62
CA LYS B 349 5.91 -12.06 -37.99
C LYS B 349 7.27 -12.52 -37.47
N GLU B 350 8.34 -12.17 -38.18
CA GLU B 350 9.69 -12.58 -37.80
C GLU B 350 10.16 -11.89 -36.51
N LEU B 351 9.83 -10.60 -36.39
CA LEU B 351 10.14 -9.85 -35.18
C LEU B 351 9.32 -10.35 -34.00
N ALA B 352 8.04 -10.62 -34.26
CA ALA B 352 7.14 -11.17 -33.24
C ALA B 352 7.68 -12.50 -32.71
N PHE B 353 8.13 -13.36 -33.61
CA PHE B 353 8.69 -14.64 -33.22
C PHE B 353 9.95 -14.47 -32.35
N PHE B 354 10.84 -13.59 -32.77
CA PHE B 354 12.08 -13.36 -32.03
C PHE B 354 11.79 -12.87 -30.61
N ALA B 355 10.93 -11.86 -30.49
CA ALA B 355 10.56 -11.30 -29.20
C ALA B 355 10.07 -12.39 -28.24
N ASN B 356 9.13 -13.20 -28.71
CA ASN B 356 8.59 -14.29 -27.90
C ASN B 356 9.65 -15.34 -27.53
N ALA B 357 10.49 -15.70 -28.48
CA ALA B 357 11.54 -16.69 -28.24
C ALA B 357 12.52 -16.24 -27.16
N LEU B 358 12.89 -14.96 -27.18
CA LEU B 358 13.79 -14.40 -26.16
C LEU B 358 13.15 -14.45 -24.77
N GLU B 359 11.86 -14.15 -24.70
CA GLU B 359 11.14 -14.26 -23.44
C GLU B 359 11.12 -15.70 -22.92
N GLU B 360 10.82 -16.65 -23.81
CA GLU B 360 10.82 -18.07 -23.46
C GLU B 360 12.17 -18.53 -22.92
N VAL B 361 13.24 -18.16 -23.62
CA VAL B 361 14.60 -18.50 -23.23
C VAL B 361 14.93 -17.97 -21.83
N SER B 362 14.53 -16.73 -21.57
CA SER B 362 14.77 -16.09 -20.28
C SER B 362 14.07 -16.83 -19.15
N ILE B 363 12.80 -17.17 -19.37
CA ILE B 363 12.02 -17.93 -18.40
C ILE B 363 12.57 -19.35 -18.24
N GLU B 364 12.84 -20.00 -19.36
CA GLU B 364 13.37 -21.38 -19.37
C GLU B 364 14.73 -21.51 -18.67
N THR B 365 15.57 -20.49 -18.81
CA THR B 365 16.90 -20.48 -18.18
C THR B 365 16.78 -20.44 -16.67
N ILE B 366 15.91 -19.57 -16.16
CA ILE B 366 15.67 -19.46 -14.72
C ILE B 366 15.02 -20.72 -14.16
N GLU B 367 13.99 -21.22 -14.85
CA GLU B 367 13.29 -22.44 -14.43
C GLU B 367 14.17 -23.69 -14.43
N ALA B 368 15.25 -23.67 -15.22
CA ALA B 368 16.24 -24.75 -15.22
C ALA B 368 17.30 -24.59 -14.11
N GLY B 369 17.16 -23.54 -13.28
CA GLY B 369 18.01 -23.35 -12.10
C GLY B 369 19.21 -22.46 -12.30
N PHE B 370 19.21 -21.67 -13.38
CA PHE B 370 20.28 -20.70 -13.63
C PHE B 370 19.70 -19.29 -13.45
N MET B 371 20.16 -18.60 -12.40
CA MET B 371 19.55 -17.34 -11.97
C MET B 371 20.53 -16.44 -11.23
N THR B 372 20.18 -15.16 -11.12
CA THR B 372 20.96 -14.19 -10.36
C THR B 372 20.65 -14.31 -8.85
N LYS B 373 21.43 -13.61 -8.02
CA LYS B 373 21.39 -13.78 -6.57
C LYS B 373 20.03 -13.45 -5.95
N ASP B 374 19.39 -12.38 -6.44
CA ASP B 374 18.09 -11.96 -5.93
C ASP B 374 17.04 -13.09 -5.97
N LEU B 375 17.05 -13.88 -7.04
CA LEU B 375 16.09 -14.97 -7.19
C LEU B 375 16.44 -16.18 -6.34
N ALA B 376 17.74 -16.47 -6.21
CA ALA B 376 18.20 -17.54 -5.34
C ALA B 376 17.85 -17.23 -3.88
N ALA B 377 18.06 -15.97 -3.49
CA ALA B 377 17.71 -15.50 -2.14
C ALA B 377 16.21 -15.57 -1.88
N CYS B 378 15.41 -15.25 -2.89
CA CYS B 378 13.95 -15.32 -2.76
C CYS B 378 13.49 -16.75 -2.52
N ILE B 379 14.13 -17.72 -3.18
CA ILE B 379 13.78 -19.13 -3.03
C ILE B 379 14.24 -19.66 -1.67
N LYS B 380 15.54 -19.60 -1.42
CA LYS B 380 16.14 -20.24 -0.24
C LYS B 380 16.15 -19.39 1.03
N GLY B 381 16.12 -18.07 0.87
CA GLY B 381 16.34 -17.13 1.98
C GLY B 381 17.79 -16.69 1.96
N LEU B 382 18.01 -15.38 2.15
CA LEU B 382 19.34 -14.78 1.99
C LEU B 382 20.45 -15.45 2.82
N PRO B 383 20.18 -15.79 4.08
CA PRO B 383 21.22 -16.44 4.89
C PRO B 383 21.62 -17.85 4.42
N ASN B 384 20.76 -18.50 3.65
CA ASN B 384 21.01 -19.87 3.16
C ASN B 384 21.66 -19.92 1.78
N VAL B 385 21.92 -18.77 1.17
CA VAL B 385 22.42 -18.71 -0.21
C VAL B 385 23.93 -18.96 -0.28
N GLN B 386 24.31 -19.98 -1.03
CA GLN B 386 25.71 -20.26 -1.33
C GLN B 386 26.05 -19.64 -2.67
N ARG B 387 27.34 -19.57 -3.00
CA ARG B 387 27.80 -19.01 -4.27
C ARG B 387 27.39 -19.89 -5.45
N SER B 388 27.29 -21.20 -5.22
CA SER B 388 26.89 -22.16 -6.26
C SER B 388 25.40 -22.07 -6.62
N ASP B 389 24.60 -21.38 -5.81
CA ASP B 389 23.16 -21.24 -6.06
C ASP B 389 22.80 -20.19 -7.11
N TYR B 390 23.75 -19.36 -7.54
CA TYR B 390 23.45 -18.30 -8.50
C TYR B 390 24.60 -17.98 -9.44
N LEU B 391 24.31 -17.15 -10.44
CA LEU B 391 25.30 -16.71 -11.42
C LEU B 391 25.50 -15.20 -11.37
N ASN B 392 26.69 -14.78 -11.82
CA ASN B 392 27.01 -13.37 -12.04
C ASN B 392 26.10 -12.71 -13.05
N THR B 393 26.04 -11.38 -12.98
CA THR B 393 25.39 -10.59 -14.02
C THR B 393 25.89 -11.02 -15.40
N PHE B 394 27.21 -11.16 -15.52
CA PHE B 394 27.87 -11.50 -16.78
C PHE B 394 27.69 -12.97 -17.14
N GLU B 395 27.82 -13.84 -16.14
CA GLU B 395 27.58 -15.28 -16.31
C GLU B 395 26.13 -15.58 -16.70
N PHE B 396 25.21 -14.85 -16.10
CA PHE B 396 23.78 -15.01 -16.41
C PHE B 396 23.49 -14.53 -17.83
N MET B 397 24.07 -13.38 -18.20
CA MET B 397 23.93 -12.85 -19.56
C MET B 397 24.57 -13.78 -20.59
N ASP B 398 25.76 -14.29 -20.30
CA ASP B 398 26.40 -15.29 -21.17
C ASP B 398 25.53 -16.54 -21.31
N LYS B 399 24.98 -17.01 -20.19
CA LYS B 399 24.11 -18.19 -20.21
C LYS B 399 22.85 -17.95 -21.06
N LEU B 400 22.26 -16.77 -20.94
CA LEU B 400 21.11 -16.40 -21.77
C LEU B 400 21.48 -16.33 -23.24
N GLY B 401 22.66 -15.76 -23.53
CA GLY B 401 23.17 -15.68 -24.89
C GLY B 401 23.33 -17.03 -25.57
N GLU B 402 23.84 -18.00 -24.83
CA GLU B 402 24.02 -19.37 -25.35
C GLU B 402 22.69 -20.04 -25.62
N ASN B 403 21.78 -19.98 -24.66
CA ASN B 403 20.45 -20.57 -24.81
C ASN B 403 19.63 -19.93 -25.93
N LEU B 404 19.80 -18.61 -26.11
CA LEU B 404 19.12 -17.90 -27.19
C LEU B 404 19.59 -18.38 -28.56
N LYS B 405 20.89 -18.59 -28.71
CA LYS B 405 21.45 -19.07 -29.98
C LYS B 405 20.94 -20.47 -30.32
N ILE B 406 20.86 -21.33 -29.30
CA ILE B 406 20.34 -22.70 -29.47
C ILE B 406 18.85 -22.67 -29.80
N LYS B 407 18.10 -21.81 -29.11
CA LYS B 407 16.66 -21.66 -29.35
C LYS B 407 16.37 -21.30 -30.81
N LEU B 408 17.11 -20.33 -31.33
CA LEU B 408 16.89 -19.82 -32.70
C LEU B 408 17.47 -20.73 -33.78
N ALA B 409 18.51 -21.49 -33.43
CA ALA B 409 19.10 -22.46 -34.35
C ALA B 409 18.16 -23.64 -34.62
N GLN B 410 17.57 -24.16 -33.55
CA GLN B 410 16.65 -25.31 -33.66
C GLN B 410 15.37 -24.98 -34.43
N ALA B 411 14.94 -23.72 -34.37
CA ALA B 411 13.77 -23.27 -35.14
C ALA B 411 14.06 -23.30 -36.65
N LYS B 412 15.26 -22.89 -37.04
CA LYS B 412 15.69 -22.92 -38.43
C LYS B 412 16.18 -24.31 -38.82
PA NAP C . -13.16 -9.89 9.80
O1A NAP C . -11.82 -9.25 10.05
O2A NAP C . -14.11 -10.13 10.96
O5B NAP C . -12.92 -11.29 9.08
C5B NAP C . -12.40 -11.31 7.75
C4B NAP C . -11.62 -12.59 7.46
O4B NAP C . -10.23 -12.43 7.84
C3B NAP C . -12.09 -13.84 8.18
O3B NAP C . -13.16 -14.48 7.49
C2B NAP C . -10.83 -14.67 8.23
O2B NAP C . -10.53 -15.27 6.96
C1B NAP C . -9.78 -13.62 8.50
N9A NAP C . -9.63 -13.35 9.95
C8A NAP C . -9.91 -12.18 10.56
N7A NAP C . -9.68 -12.27 11.89
C5A NAP C . -9.22 -13.50 12.15
C6A NAP C . -8.78 -14.24 13.36
N6A NAP C . -8.78 -13.65 14.57
N1A NAP C . -8.39 -15.53 13.19
C2A NAP C . -8.39 -16.13 11.98
N3A NAP C . -8.78 -15.50 10.85
C4A NAP C . -9.19 -14.22 10.87
O3 NAP C . -13.90 -8.95 8.71
PN NAP C . -15.40 -9.22 8.16
O1N NAP C . -15.49 -8.51 6.84
O2N NAP C . -15.70 -10.70 8.30
O5D NAP C . -16.33 -8.41 9.18
C5D NAP C . -17.29 -9.08 9.98
C4D NAP C . -17.90 -8.07 10.94
O4D NAP C . -16.85 -7.41 11.67
C3D NAP C . -18.72 -7.01 10.23
O3D NAP C . -20.03 -6.95 10.78
C2D NAP C . -17.96 -5.70 10.46
O2D NAP C . -18.86 -4.62 10.72
C1D NAP C . -17.09 -6.00 11.68
N1N NAP C . -15.81 -5.26 11.73
C2N NAP C . -15.44 -4.78 12.94
C3N NAP C . -14.25 -4.06 13.11
C7N NAP C . -13.85 -3.54 14.46
O7N NAP C . -12.66 -3.41 14.72
N7N NAP C . -14.78 -3.24 15.37
C4N NAP C . -13.44 -3.85 12.00
C5N NAP C . -13.83 -4.35 10.76
C6N NAP C . -15.03 -5.06 10.66
P2B NAP C . -11.06 -16.71 6.47
O1X NAP C . -12.52 -16.50 6.18
O2X NAP C . -10.23 -16.99 5.24
O3X NAP C . -10.80 -17.64 7.63
N1 59D D . 7.53 -6.81 11.20
C10 59D D . 1.74 -3.55 6.11
C13 59D D . 4.50 -2.37 3.83
C15 59D D . 3.46 -0.47 4.84
C17 59D D . 2.99 -4.86 7.88
C20 59D D . 3.27 -4.68 10.22
C21 59D D . 4.19 -6.69 9.07
C22 59D D . 3.49 -6.13 7.91
C24 59D D . 6.16 -6.79 11.15
C26 59D D . 6.86 -8.91 11.48
C01 59D D . 5.13 -13.34 3.28
C02 59D D . 3.97 -12.98 4.17
O01 59D D . 2.96 -13.96 4.00
C03 59D D . 3.40 -11.66 3.79
C04 59D D . 3.06 -11.38 2.48
C05 59D D . 2.53 -10.16 2.14
C06 59D D . 2.33 -9.20 3.09
C07 59D D . 2.67 -9.47 4.40
N01 59D D . 2.45 -8.48 5.38
C08 59D D . 3.47 -8.02 6.18
O02 59D D . 4.49 -8.61 6.48
C09 59D D . 3.17 -6.69 6.66
N02 59D D . 2.51 -5.83 5.88
N03 59D D . 2.41 -4.72 6.64
C11 59D D . 2.69 -2.68 5.36
C12 59D D . 3.64 -3.20 4.50
C14 59D D . 4.41 -1.01 4.00
F 59D D . 5.26 -0.20 3.34
C16 59D D . 2.61 -1.31 5.52
C18 59D D . 3.06 -3.87 8.95
C19 59D D . 4.20 -2.91 8.74
N04 59D D . 4.34 -5.66 10.09
C23 59D D . 5.41 -5.59 10.96
O1 59D D . 5.75 -4.56 11.54
C25 59D D . 5.72 -8.09 11.32
C27 59D D . 7.97 -8.09 11.40
C1 59D D . 3.19 -10.70 4.75
PA NAP E . 16.59 0.60 -7.42
O1A NAP E . 15.32 -0.01 -7.95
O2A NAP E . 17.66 1.09 -8.35
O5B NAP E . 17.28 -0.48 -6.46
C5B NAP E . 16.82 -0.64 -5.12
C4B NAP E . 17.18 -2.03 -4.60
O4B NAP E . 16.25 -3.02 -5.10
C3B NAP E . 18.57 -2.52 -5.02
O3B NAP E . 19.59 -2.00 -4.17
C2B NAP E . 18.38 -4.02 -4.93
O2B NAP E . 18.39 -4.47 -3.57
C1B NAP E . 16.97 -4.20 -5.48
N9A NAP E . 16.96 -4.31 -6.96
C8A NAP E . 16.36 -3.44 -7.80
N7A NAP E . 16.52 -3.83 -9.09
C5A NAP E . 17.23 -4.97 -9.10
C6A NAP E . 17.75 -5.91 -10.12
N6A NAP E . 17.53 -5.67 -11.43
N1A NAP E . 18.45 -6.98 -9.69
C2A NAP E . 18.68 -7.22 -8.39
N3A NAP E . 18.22 -6.40 -7.41
C4A NAP E . 17.52 -5.29 -7.69
O3 NAP E . 16.14 1.78 -6.40
PN NAP E . 17.18 2.87 -5.80
O1N NAP E . 16.48 3.60 -4.69
O2N NAP E . 18.50 2.19 -5.54
O5D NAP E . 17.36 3.90 -7.02
C5D NAP E . 18.66 4.19 -7.53
C4D NAP E . 18.53 5.22 -8.65
O4D NAP E . 17.57 4.79 -9.61
C3D NAP E . 18.07 6.58 -8.12
O3D NAP E . 18.98 7.58 -8.59
C2D NAP E . 16.70 6.80 -8.71
O2D NAP E . 16.53 8.16 -9.12
C1D NAP E . 16.63 5.83 -9.89
N1N NAP E . 15.31 5.27 -10.18
C2N NAP E . 14.92 5.26 -11.47
C3N NAP E . 13.68 4.73 -11.85
C7N NAP E . 13.26 4.72 -13.31
O7N NAP E . 12.33 4.01 -13.65
N7N NAP E . 13.92 5.45 -14.21
C4N NAP E . 12.84 4.22 -10.87
C5N NAP E . 13.27 4.25 -9.54
C6N NAP E . 14.51 4.78 -9.23
P2B NAP E . 19.72 -4.92 -2.76
O1X NAP E . 20.41 -3.62 -2.40
O2X NAP E . 19.16 -5.66 -1.57
O3X NAP E . 20.49 -5.79 -3.72
N1 59D F . 1.72 -13.86 -10.81
C10 59D F . 1.64 -7.04 -5.92
C13 59D F . -2.04 -6.37 -5.63
C15 59D F . -1.56 -8.36 -4.41
C17 59D F . 2.36 -8.93 -7.43
C20 59D F . 2.66 -9.21 -9.77
C21 59D F . 3.32 -11.08 -8.26
C22 59D F . 3.02 -10.11 -7.20
C24 59D F . 2.57 -12.87 -10.43
C26 59D F . 3.62 -14.86 -10.24
C01 59D F . 6.33 -15.54 -1.28
C02 59D F . 7.00 -14.43 -2.07
O01 59D F . 8.31 -14.24 -1.55
C03 59D F . 6.26 -13.15 -1.92
C04 59D F . 5.99 -12.64 -0.66
C05 59D F . 5.31 -11.46 -0.53
C06 59D F . 4.87 -10.78 -1.64
C07 59D F . 5.12 -11.29 -2.89
N01 59D F . 4.67 -10.57 -4.01
C08 59D F . 3.94 -11.14 -5.03
O02 59D F . 3.86 -12.33 -5.31
C09 59D F . 3.27 -10.13 -5.81
N02 59D F . 2.81 -9.02 -5.21
N03 59D F . 2.26 -8.31 -6.21
C11 59D F . 0.20 -7.19 -5.53
C12 59D F . -0.70 -6.25 -5.96
C14 59D F . -2.46 -7.42 -4.85
F 59D F . -3.76 -7.53 -4.52
C16 59D F . -0.23 -8.25 -4.75
C18 59D F . 1.88 -8.45 -8.71
C19 59D F . 0.41 -8.71 -8.89
N04 59D F . 2.73 -10.63 -9.51
C23 59D F . 2.17 -11.49 -10.44
O1 59D F . 1.36 -11.11 -11.27
C25 59D F . 3.76 -13.46 -10.08
C27 59D F . 2.33 -15.07 -10.70
C1 59D F . 5.81 -12.47 -3.04
#